data_8YR3
#
_entry.id   8YR3
#
_cell.length_a   1.00
_cell.length_b   1.00
_cell.length_c   1.00
_cell.angle_alpha   90.00
_cell.angle_beta   90.00
_cell.angle_gamma   90.00
#
_symmetry.space_group_name_H-M   'P 1'
#
loop_
_entity.id
_entity.type
_entity.pdbx_description
1 polymer 'ATP-binding cassette sub-family B member 6'
2 non-polymer GLUTATHIONE
3 non-polymer 'CADMIUM ION'
#
_entity_poly.entity_id   1
_entity_poly.type   'polypeptide(L)'
_entity_poly.pdbx_seq_one_letter_code
;APGLRPQSYTLQVHEEDQDVERSQVRSAAQQSTWRDFGRKLRLLSGYLWPRGSPALQLVVLICLGLMGLERALNVLVPIF
YRNIVNLLTEKAPWNSLAWTVTSYVFLKFLQGGGTGSTGFVSNLRTFLWIRVQQFTSRRVELLIFSHLHELSLRWHLGRR
TGEVLRIADRGTSSVTGLLSYLVFNVIPTLADIIIGIIYFSMFFNAWFGLIVFLCMSLYLTLTIVVTEWRTKFRRAMNTQ
ENATRARAVDSLLNFETVKYYNAESYEVERYREAIIKYQGLEWKSSASLVLLNQTQNLVIGLGLLAGSLLCAYFVTEQKL
QVGDYVLFGTYIIQLYMPLNWFGTYYRMIQTNFIDMENMFDLLKEETEVKDLPGAGPLRFQKGRIEFENVHFSYADGRET
LQDVSFTVMPGQTLALVGPSGAGKSTILRLLFRFYDISSGCIRIDGQDISQVTQASLRSHIGVVPQDTVLFNDTIADNIR
YGRVTAGNDEVEAAAQAAGIHDAIMAFPEGYRTQVGERGLKLSGGEKQRVAIARTILKAPGIILLDEATSALDTSNERAI
QASLAKVCANRTTIVVAHRLSTVVNADQILVIKDGCIVERGRHEALLSRGGVYADMWQLQQGQEETSEDTKPQTMER
;
_entity_poly.pdbx_strand_id   A,B
#
loop_
_chem_comp.id
_chem_comp.type
_chem_comp.name
_chem_comp.formula
CD non-polymer 'CADMIUM ION' 'Cd 2'
GSH non-polymer GLUTATHIONE 'C10 H17 N3 O6 S'
#
# COMPACT_ATOMS: atom_id res chain seq x y z
N ARG A 35 22.22 -24.87 -13.45
CA ARG A 35 22.05 -23.43 -13.56
C ARG A 35 21.96 -22.86 -12.14
N ASP A 36 23.00 -23.15 -11.34
CA ASP A 36 23.16 -22.61 -9.99
C ASP A 36 22.00 -23.01 -9.07
N PHE A 37 21.14 -23.90 -9.54
CA PHE A 37 19.94 -24.33 -8.81
C PHE A 37 20.27 -25.12 -7.55
N GLY A 38 21.42 -25.80 -7.56
CA GLY A 38 21.80 -26.71 -6.49
C GLY A 38 21.78 -26.13 -5.09
N ARG A 39 22.52 -25.04 -4.88
CA ARG A 39 22.57 -24.43 -3.55
C ARG A 39 21.22 -23.89 -3.14
N LYS A 40 20.48 -23.29 -4.08
CA LYS A 40 19.17 -22.74 -3.76
C LYS A 40 18.22 -23.85 -3.30
N LEU A 41 18.22 -24.98 -4.01
CA LEU A 41 17.40 -26.11 -3.57
C LEU A 41 17.89 -26.67 -2.24
N ARG A 42 19.20 -26.64 -2.00
CA ARG A 42 19.70 -27.11 -0.71
C ARG A 42 19.18 -26.23 0.43
N LEU A 43 19.20 -24.91 0.24
CA LEU A 43 18.66 -24.01 1.25
C LEU A 43 17.16 -24.22 1.43
N LEU A 44 16.44 -24.42 0.33
CA LEU A 44 15.02 -24.71 0.43
C LEU A 44 14.75 -25.99 1.21
N SER A 45 15.56 -27.03 0.98
CA SER A 45 15.41 -28.26 1.73
C SER A 45 15.69 -28.02 3.21
N GLY A 46 16.71 -27.22 3.51
CA GLY A 46 17.01 -26.87 4.88
C GLY A 46 15.84 -26.20 5.56
N TYR A 47 15.18 -25.28 4.85
CA TYR A 47 14.02 -24.61 5.44
C TYR A 47 12.76 -25.48 5.46
N LEU A 48 12.70 -26.52 4.63
CA LEU A 48 11.49 -27.32 4.54
C LEU A 48 11.26 -28.14 5.80
N TRP A 49 12.29 -28.83 6.26
CA TRP A 49 12.14 -29.73 7.39
C TRP A 49 12.21 -28.95 8.71
N PRO A 50 11.20 -29.09 9.56
CA PRO A 50 11.22 -28.37 10.84
C PRO A 50 12.22 -28.96 11.83
N ARG A 51 13.46 -28.48 11.77
CA ARG A 51 14.56 -29.04 12.58
C ARG A 51 14.27 -28.96 14.08
N GLY A 52 13.18 -28.32 14.48
CA GLY A 52 12.90 -28.11 15.89
C GLY A 52 12.03 -29.18 16.51
N SER A 53 10.76 -28.87 16.71
CA SER A 53 9.87 -29.74 17.48
C SER A 53 9.77 -31.12 16.82
N PRO A 54 9.67 -32.19 17.61
CA PRO A 54 9.61 -33.53 17.02
C PRO A 54 8.22 -33.95 16.57
N ALA A 55 7.21 -33.10 16.76
CA ALA A 55 5.84 -33.43 16.39
C ALA A 55 5.50 -33.03 14.96
N LEU A 56 6.47 -32.53 14.20
CA LEU A 56 6.22 -32.10 12.83
C LEU A 56 6.89 -32.97 11.78
N GLN A 57 7.91 -33.76 12.15
CA GLN A 57 8.47 -34.72 11.20
C GLN A 57 7.41 -35.72 10.76
N LEU A 58 6.58 -36.17 11.69
CA LEU A 58 5.48 -37.06 11.34
C LEU A 58 4.52 -36.38 10.38
N VAL A 59 4.23 -35.10 10.60
CA VAL A 59 3.33 -34.38 9.71
C VAL A 59 3.92 -34.28 8.31
N VAL A 60 5.20 -33.96 8.21
CA VAL A 60 5.82 -33.86 6.88
C VAL A 60 5.80 -35.20 6.17
N LEU A 61 6.12 -36.28 6.89
CA LEU A 61 6.08 -37.61 6.29
C LEU A 61 4.69 -37.94 5.80
N ILE A 62 3.67 -37.63 6.61
CA ILE A 62 2.29 -37.92 6.23
C ILE A 62 1.91 -37.12 4.98
N CYS A 63 2.33 -35.87 4.91
CA CYS A 63 2.00 -35.05 3.76
C CYS A 63 2.65 -35.60 2.49
N LEU A 64 3.92 -36.02 2.57
CA LEU A 64 4.56 -36.60 1.40
C LEU A 64 3.88 -37.90 0.98
N GLY A 65 3.48 -38.73 1.95
CA GLY A 65 2.75 -39.93 1.62
C GLY A 65 1.43 -39.64 0.95
N LEU A 66 0.73 -38.60 1.42
CA LEU A 66 -0.52 -38.21 0.78
C LEU A 66 -0.30 -37.75 -0.64
N MET A 67 0.78 -37.01 -0.89
CA MET A 67 1.09 -36.59 -2.25
C MET A 67 1.33 -37.81 -3.15
N GLY A 68 2.08 -38.79 -2.65
CA GLY A 68 2.31 -39.99 -3.43
C GLY A 68 1.02 -40.75 -3.72
N LEU A 69 0.16 -40.87 -2.71
CA LEU A 69 -1.12 -41.57 -2.91
C LEU A 69 -1.98 -40.84 -3.92
N GLU A 70 -2.00 -39.51 -3.88
CA GLU A 70 -2.76 -38.74 -4.86
C GLU A 70 -2.22 -38.98 -6.26
N ARG A 71 -0.90 -38.99 -6.42
CA ARG A 71 -0.34 -39.24 -7.74
C ARG A 71 -0.68 -40.63 -8.25
N ALA A 72 -0.68 -41.64 -7.36
CA ALA A 72 -1.05 -42.99 -7.79
C ALA A 72 -2.52 -43.05 -8.18
N LEU A 73 -3.40 -42.44 -7.39
CA LEU A 73 -4.82 -42.46 -7.71
C LEU A 73 -5.09 -41.77 -9.04
N ASN A 74 -4.41 -40.66 -9.30
CA ASN A 74 -4.66 -39.90 -10.52
C ASN A 74 -4.33 -40.71 -11.76
N VAL A 75 -3.52 -41.76 -11.62
CA VAL A 75 -3.21 -42.63 -12.74
C VAL A 75 -4.13 -43.85 -12.75
N LEU A 76 -4.50 -44.35 -11.57
CA LEU A 76 -5.22 -45.61 -11.51
C LEU A 76 -6.73 -45.45 -11.65
N VAL A 77 -7.28 -44.24 -11.59
CA VAL A 77 -8.71 -44.04 -11.83
C VAL A 77 -9.12 -44.37 -13.26
N PRO A 78 -8.43 -43.87 -14.30
CA PRO A 78 -8.86 -44.20 -15.66
C PRO A 78 -8.84 -45.67 -15.98
N ILE A 79 -7.98 -46.45 -15.31
CA ILE A 79 -8.01 -47.90 -15.50
C ILE A 79 -9.35 -48.47 -15.06
N PHE A 80 -9.86 -48.01 -13.92
CA PHE A 80 -11.19 -48.45 -13.49
C PHE A 80 -12.27 -47.97 -14.45
N TYR A 81 -12.11 -46.77 -15.00
CA TYR A 81 -13.07 -46.29 -15.99
C TYR A 81 -13.11 -47.21 -17.21
N ARG A 82 -11.93 -47.60 -17.70
CA ARG A 82 -11.85 -48.50 -18.83
C ARG A 82 -12.44 -49.86 -18.50
N ASN A 83 -12.19 -50.35 -17.27
CA ASN A 83 -12.79 -51.61 -16.86
C ASN A 83 -14.31 -51.53 -16.87
N ILE A 84 -14.86 -50.41 -16.39
CA ILE A 84 -16.31 -50.27 -16.36
C ILE A 84 -16.88 -50.28 -17.77
N VAL A 85 -16.25 -49.55 -18.68
CA VAL A 85 -16.75 -49.51 -20.06
C VAL A 85 -16.67 -50.89 -20.70
N ASN A 86 -15.55 -51.58 -20.50
CA ASN A 86 -15.38 -52.91 -21.06
C ASN A 86 -16.43 -53.87 -20.52
N LEU A 87 -16.68 -53.84 -19.21
CA LEU A 87 -17.69 -54.71 -18.63
C LEU A 87 -19.08 -54.36 -19.14
N LEU A 88 -19.36 -53.08 -19.36
CA LEU A 88 -20.66 -52.67 -19.86
C LEU A 88 -20.88 -53.11 -21.29
N THR A 89 -19.82 -53.15 -22.11
CA THR A 89 -20.01 -53.47 -23.51
C THR A 89 -20.17 -54.97 -23.78
N GLU A 90 -19.89 -55.83 -22.81
CA GLU A 90 -20.05 -57.27 -22.98
C GLU A 90 -21.22 -57.83 -22.17
N LYS A 91 -22.12 -56.97 -21.71
CA LYS A 91 -23.32 -57.37 -20.97
C LYS A 91 -22.97 -58.24 -19.76
N ALA A 92 -22.18 -57.66 -18.86
CA ALA A 92 -21.80 -58.35 -17.65
C ALA A 92 -22.99 -58.47 -16.70
N PRO A 93 -22.95 -59.41 -15.77
CA PRO A 93 -24.02 -59.51 -14.77
C PRO A 93 -24.06 -58.27 -13.90
N TRP A 94 -25.26 -58.01 -13.34
CA TRP A 94 -25.52 -56.74 -12.69
C TRP A 94 -24.70 -56.55 -11.42
N ASN A 95 -24.45 -57.63 -10.67
CA ASN A 95 -23.80 -57.49 -9.37
C ASN A 95 -22.37 -56.96 -9.52
N SER A 96 -21.59 -57.56 -10.42
CA SER A 96 -20.21 -57.11 -10.62
C SER A 96 -20.18 -55.68 -11.13
N LEU A 97 -21.08 -55.34 -12.05
CA LEU A 97 -21.12 -53.98 -12.57
C LEU A 97 -21.41 -52.97 -11.45
N ALA A 98 -22.38 -53.29 -10.59
CA ALA A 98 -22.73 -52.37 -9.52
C ALA A 98 -21.57 -52.18 -8.56
N TRP A 99 -20.91 -53.28 -8.16
CA TRP A 99 -19.80 -53.13 -7.23
C TRP A 99 -18.66 -52.35 -7.86
N THR A 100 -18.34 -52.63 -9.13
CA THR A 100 -17.26 -51.92 -9.78
C THR A 100 -17.58 -50.44 -9.92
N VAL A 101 -18.82 -50.09 -10.26
CA VAL A 101 -19.15 -48.68 -10.44
C VAL A 101 -19.12 -47.95 -9.10
N THR A 102 -19.57 -48.62 -8.03
CA THR A 102 -19.47 -48.00 -6.71
C THR A 102 -18.01 -47.74 -6.35
N SER A 103 -17.14 -48.72 -6.60
CA SER A 103 -15.73 -48.53 -6.31
C SER A 103 -15.14 -47.39 -7.13
N TYR A 104 -15.51 -47.31 -8.41
CA TYR A 104 -14.98 -46.24 -9.25
C TYR A 104 -15.44 -44.88 -8.77
N VAL A 105 -16.70 -44.75 -8.37
CA VAL A 105 -17.19 -43.46 -7.88
C VAL A 105 -16.47 -43.07 -6.59
N PHE A 106 -16.29 -44.03 -5.68
CA PHE A 106 -15.54 -43.74 -4.47
C PHE A 106 -14.12 -43.29 -4.78
N LEU A 107 -13.48 -43.96 -5.73
CA LEU A 107 -12.13 -43.58 -6.13
C LEU A 107 -12.09 -42.19 -6.71
N LYS A 108 -13.06 -41.85 -7.55
CA LYS A 108 -13.12 -40.49 -8.12
C LYS A 108 -13.32 -39.47 -7.02
N PHE A 109 -14.11 -39.79 -6.00
CA PHE A 109 -14.29 -38.87 -4.88
C PHE A 109 -12.98 -38.68 -4.12
N LEU A 110 -12.23 -39.76 -3.89
CA LEU A 110 -10.96 -39.64 -3.20
C LEU A 110 -9.97 -38.83 -4.02
N GLN A 111 -9.86 -39.14 -5.31
CA GLN A 111 -9.00 -38.40 -6.20
C GLN A 111 -9.62 -37.03 -6.51
N GLY A 112 -8.81 -36.12 -7.03
CA GLY A 112 -9.32 -34.82 -7.38
C GLY A 112 -10.36 -34.89 -8.47
N GLY A 113 -11.63 -34.63 -8.11
CA GLY A 113 -12.70 -34.67 -9.08
C GLY A 113 -12.76 -33.43 -9.94
N GLY A 114 -11.63 -33.04 -10.51
CA GLY A 114 -11.55 -31.83 -11.29
C GLY A 114 -10.48 -30.88 -10.78
N THR A 115 -9.81 -30.18 -11.70
CA THR A 115 -8.80 -29.15 -11.45
C THR A 115 -7.81 -29.49 -10.34
N GLY A 116 -7.56 -30.79 -10.14
CA GLY A 116 -6.47 -31.21 -9.28
C GLY A 116 -6.67 -31.03 -7.78
N SER A 117 -7.13 -29.85 -7.37
CA SER A 117 -7.16 -29.46 -5.97
C SER A 117 -8.54 -29.59 -5.35
N THR A 118 -9.28 -30.64 -5.70
CA THR A 118 -10.62 -30.85 -5.17
C THR A 118 -10.74 -32.08 -4.27
N GLY A 119 -9.99 -33.14 -4.52
CA GLY A 119 -10.22 -34.39 -3.84
C GLY A 119 -9.93 -34.33 -2.34
N PHE A 120 -10.30 -35.41 -1.67
CA PHE A 120 -10.09 -35.53 -0.24
C PHE A 120 -8.62 -35.46 0.11
N VAL A 121 -7.77 -36.15 -0.67
CA VAL A 121 -6.36 -36.26 -0.34
C VAL A 121 -5.69 -34.89 -0.34
N SER A 122 -5.95 -34.10 -1.38
CA SER A 122 -5.34 -32.77 -1.46
C SER A 122 -5.81 -31.88 -0.32
N ASN A 123 -7.09 -32.00 0.06
CA ASN A 123 -7.62 -31.19 1.14
C ASN A 123 -6.96 -31.55 2.47
N LEU A 124 -6.75 -32.84 2.73
CA LEU A 124 -6.02 -33.21 3.95
C LEU A 124 -4.59 -32.69 3.93
N ARG A 125 -3.94 -32.77 2.77
CA ARG A 125 -2.58 -32.27 2.66
C ARG A 125 -2.53 -30.78 3.00
N THR A 126 -3.51 -30.02 2.51
CA THR A 126 -3.60 -28.60 2.88
C THR A 126 -3.85 -28.44 4.37
N PHE A 127 -4.73 -29.29 4.93
CA PHE A 127 -5.12 -29.16 6.33
C PHE A 127 -3.94 -29.36 7.27
N LEU A 128 -2.93 -30.12 6.85
CA LEU A 128 -1.74 -30.20 7.69
C LEU A 128 -0.65 -29.20 7.31
N TRP A 129 -0.54 -28.88 6.02
CA TRP A 129 0.47 -27.92 5.62
C TRP A 129 0.20 -26.53 6.16
N ILE A 130 -1.05 -26.19 6.47
CA ILE A 130 -1.29 -24.87 7.05
C ILE A 130 -0.56 -24.75 8.38
N ARG A 131 -0.65 -25.77 9.23
CA ARG A 131 0.04 -25.74 10.51
C ARG A 131 1.55 -25.70 10.31
N VAL A 132 2.08 -26.56 9.43
CA VAL A 132 3.53 -26.58 9.30
C VAL A 132 4.05 -25.27 8.70
N GLN A 133 3.30 -24.68 7.77
CA GLN A 133 3.69 -23.42 7.16
C GLN A 133 3.65 -22.29 8.18
N GLN A 134 2.63 -22.28 9.03
CA GLN A 134 2.60 -21.27 10.08
C GLN A 134 3.82 -21.38 10.98
N PHE A 135 4.20 -22.60 11.35
CA PHE A 135 5.38 -22.76 12.20
C PHE A 135 6.63 -22.20 11.53
N THR A 136 6.88 -22.60 10.28
CA THR A 136 8.11 -22.17 9.64
C THR A 136 8.13 -20.66 9.40
N SER A 137 6.98 -20.08 9.03
CA SER A 137 6.93 -18.64 8.80
C SER A 137 7.19 -17.88 10.10
N ARG A 138 6.59 -18.33 11.20
CA ARG A 138 6.84 -17.68 12.48
C ARG A 138 8.32 -17.72 12.85
N ARG A 139 8.95 -18.88 12.71
CA ARG A 139 10.36 -18.99 13.06
C ARG A 139 11.21 -18.05 12.22
N VAL A 140 11.01 -18.06 10.90
CA VAL A 140 11.85 -17.25 10.03
C VAL A 140 11.61 -15.76 10.30
N GLU A 141 10.36 -15.37 10.56
CA GLU A 141 10.07 -13.96 10.79
C GLU A 141 10.70 -13.47 12.09
N LEU A 142 10.60 -14.27 13.16
CA LEU A 142 11.26 -13.86 14.40
C LEU A 142 12.77 -13.76 14.22
N LEU A 143 13.37 -14.71 13.50
CA LEU A 143 14.81 -14.65 13.27
C LEU A 143 15.20 -13.36 12.56
N ILE A 144 14.52 -13.05 11.45
CA ILE A 144 14.95 -11.88 10.67
C ILE A 144 14.67 -10.60 11.45
N PHE A 145 13.56 -10.55 12.19
CA PHE A 145 13.26 -9.36 12.98
C PHE A 145 14.32 -9.11 14.02
N SER A 146 14.71 -10.15 14.77
CA SER A 146 15.72 -9.96 15.81
C SER A 146 17.05 -9.54 15.20
N HIS A 147 17.49 -10.22 14.14
CA HIS A 147 18.77 -9.88 13.54
C HIS A 147 18.76 -8.47 12.96
N LEU A 148 17.65 -8.05 12.36
CA LEU A 148 17.57 -6.70 11.84
C LEU A 148 17.58 -5.67 12.96
N HIS A 149 16.93 -5.96 14.07
CA HIS A 149 16.94 -5.05 15.20
C HIS A 149 18.30 -4.97 15.88
N GLU A 150 19.16 -5.97 15.66
CA GLU A 150 20.47 -5.95 16.28
C GLU A 150 21.43 -4.97 15.60
N LEU A 151 21.08 -4.44 14.44
CA LEU A 151 21.99 -3.57 13.68
C LEU A 151 22.25 -2.26 14.43
N SER A 152 23.17 -1.47 13.87
CA SER A 152 23.56 -0.19 14.44
C SER A 152 22.66 0.92 13.90
N LEU A 153 23.04 2.17 14.13
CA LEU A 153 22.20 3.30 13.77
C LEU A 153 22.49 3.82 12.36
N ARG A 154 23.77 3.90 11.98
CA ARG A 154 24.12 4.48 10.69
C ARG A 154 23.48 3.71 9.55
N TRP A 155 23.46 2.39 9.65
CA TRP A 155 22.76 1.58 8.65
C TRP A 155 21.29 1.94 8.59
N HIS A 156 20.67 2.22 9.74
CA HIS A 156 19.27 2.59 9.79
C HIS A 156 19.00 3.99 9.25
N LEU A 157 20.00 4.87 9.24
CA LEU A 157 19.84 6.12 8.50
C LEU A 157 20.28 6.02 7.06
N GLY A 158 20.90 4.90 6.66
CA GLY A 158 21.25 4.72 5.26
C GLY A 158 20.04 4.58 4.36
N ARG A 159 19.02 3.87 4.83
CA ARG A 159 17.78 3.70 4.09
C ARG A 159 16.59 3.83 5.03
N ARG A 160 15.46 4.24 4.48
CA ARG A 160 14.27 4.43 5.29
C ARG A 160 13.66 3.10 5.70
N THR A 161 12.80 3.15 6.72
CA THR A 161 12.28 1.92 7.32
C THR A 161 11.28 1.22 6.42
N GLY A 162 10.51 1.97 5.63
CA GLY A 162 9.48 1.35 4.81
C GLY A 162 10.04 0.37 3.81
N GLU A 163 11.12 0.76 3.14
CA GLU A 163 11.74 -0.12 2.13
C GLU A 163 12.24 -1.41 2.76
N VAL A 164 12.94 -1.31 3.89
CA VAL A 164 13.51 -2.50 4.50
C VAL A 164 12.41 -3.41 5.05
N LEU A 165 11.35 -2.81 5.61
CA LEU A 165 10.25 -3.64 6.10
C LEU A 165 9.54 -4.35 4.96
N ARG A 166 9.33 -3.65 3.84
CA ARG A 166 8.71 -4.30 2.69
C ARG A 166 9.60 -5.42 2.16
N ILE A 167 10.92 -5.21 2.16
CA ILE A 167 11.83 -6.26 1.73
C ILE A 167 11.70 -7.48 2.63
N ALA A 168 11.65 -7.26 3.94
CA ALA A 168 11.53 -8.38 4.88
C ALA A 168 10.23 -9.14 4.69
N ASP A 169 9.12 -8.41 4.55
CA ASP A 169 7.83 -9.06 4.39
C ASP A 169 7.77 -9.86 3.10
N ARG A 170 8.25 -9.28 2.00
CA ARG A 170 8.30 -10.01 0.74
C ARG A 170 9.19 -11.23 0.86
N GLY A 171 10.29 -11.12 1.63
CA GLY A 171 11.18 -12.25 1.78
C GLY A 171 10.51 -13.42 2.48
N THR A 172 9.81 -13.15 3.58
CA THR A 172 9.15 -14.25 4.28
C THR A 172 8.00 -14.83 3.45
N SER A 173 7.24 -13.96 2.76
CA SER A 173 6.16 -14.46 1.93
C SER A 173 6.71 -15.34 0.80
N SER A 174 7.83 -14.93 0.21
CA SER A 174 8.46 -15.75 -0.83
C SER A 174 8.94 -17.07 -0.25
N VAL A 175 9.53 -17.05 0.93
CA VAL A 175 10.06 -18.29 1.52
C VAL A 175 8.94 -19.30 1.65
N THR A 176 7.77 -18.86 2.12
CA THR A 176 6.65 -19.80 2.23
C THR A 176 6.11 -20.19 0.86
N GLY A 177 5.83 -19.19 0.01
CA GLY A 177 5.11 -19.45 -1.22
C GLY A 177 5.90 -20.25 -2.23
N LEU A 178 7.20 -19.98 -2.34
CA LEU A 178 8.04 -20.71 -3.28
C LEU A 178 8.11 -22.18 -2.91
N LEU A 179 8.30 -22.47 -1.62
CA LEU A 179 8.27 -23.85 -1.16
C LEU A 179 6.96 -24.53 -1.52
N SER A 180 5.84 -23.88 -1.18
CA SER A 180 4.54 -24.49 -1.49
C SER A 180 4.40 -24.73 -2.98
N TYR A 181 4.62 -23.69 -3.79
CA TYR A 181 4.45 -23.78 -5.24
C TYR A 181 5.29 -24.90 -5.81
N LEU A 182 6.59 -24.86 -5.60
CA LEU A 182 7.47 -25.89 -6.15
C LEU A 182 7.01 -27.26 -5.69
N VAL A 183 7.07 -27.53 -4.39
CA VAL A 183 6.94 -28.90 -3.90
C VAL A 183 5.59 -29.49 -4.27
N PHE A 184 4.51 -28.72 -4.17
CA PHE A 184 3.19 -29.31 -4.35
C PHE A 184 2.49 -28.91 -5.63
N ASN A 185 3.17 -28.25 -6.58
CA ASN A 185 2.54 -28.00 -7.86
C ASN A 185 3.47 -28.05 -9.07
N VAL A 186 4.77 -28.30 -8.93
CA VAL A 186 5.60 -28.35 -10.12
C VAL A 186 6.30 -29.70 -10.21
N ILE A 187 6.58 -30.30 -9.06
CA ILE A 187 7.14 -31.64 -9.04
C ILE A 187 6.04 -32.67 -9.30
N PRO A 188 4.87 -32.58 -8.65
CA PRO A 188 3.82 -33.56 -8.97
C PRO A 188 3.39 -33.56 -10.43
N THR A 189 3.33 -32.40 -11.08
CA THR A 189 2.89 -32.36 -12.48
C THR A 189 3.90 -33.06 -13.39
N LEU A 190 5.19 -32.78 -13.22
CA LEU A 190 6.20 -33.45 -14.03
C LEU A 190 6.23 -34.94 -13.74
N ALA A 191 6.08 -35.32 -12.47
CA ALA A 191 6.02 -36.74 -12.13
C ALA A 191 4.84 -37.41 -12.82
N ASP A 192 3.69 -36.73 -12.84
CA ASP A 192 2.52 -37.27 -13.52
C ASP A 192 2.78 -37.41 -15.01
N ILE A 193 3.44 -36.44 -15.62
CA ILE A 193 3.76 -36.50 -17.05
C ILE A 193 4.62 -37.72 -17.33
N ILE A 194 5.68 -37.90 -16.54
CA ILE A 194 6.60 -39.01 -16.77
C ILE A 194 5.90 -40.35 -16.55
N ILE A 195 5.10 -40.45 -15.50
CA ILE A 195 4.43 -41.71 -15.19
C ILE A 195 3.44 -42.05 -16.30
N GLY A 196 2.71 -41.06 -16.80
CA GLY A 196 1.78 -41.30 -17.89
C GLY A 196 2.49 -41.73 -19.17
N ILE A 197 3.62 -41.09 -19.47
CA ILE A 197 4.40 -41.49 -20.64
C ILE A 197 4.83 -42.94 -20.52
N ILE A 198 5.33 -43.32 -19.34
CA ILE A 198 5.76 -44.69 -19.12
C ILE A 198 4.59 -45.66 -19.29
N TYR A 199 3.44 -45.32 -18.70
CA TYR A 199 2.30 -46.22 -18.77
C TYR A 199 1.83 -46.41 -20.21
N PHE A 200 1.74 -45.33 -20.97
CA PHE A 200 1.28 -45.44 -22.35
C PHE A 200 2.29 -46.17 -23.20
N SER A 201 3.59 -46.00 -22.92
CA SER A 201 4.60 -46.70 -23.72
C SER A 201 4.65 -48.18 -23.39
N MET A 202 4.32 -48.57 -22.16
CA MET A 202 4.42 -49.97 -21.75
C MET A 202 3.14 -50.75 -21.97
N PHE A 203 2.04 -50.34 -21.34
CA PHE A 203 0.84 -51.17 -21.29
C PHE A 203 -0.16 -50.90 -22.40
N PHE A 204 0.08 -49.91 -23.25
CA PHE A 204 -0.90 -49.52 -24.26
C PHE A 204 -0.40 -49.74 -25.69
N ASN A 205 0.71 -49.13 -26.07
CA ASN A 205 1.23 -49.20 -27.43
C ASN A 205 2.59 -48.52 -27.52
N ALA A 206 3.17 -48.52 -28.73
CA ALA A 206 4.49 -47.94 -28.93
C ALA A 206 4.46 -46.55 -29.53
N TRP A 207 3.31 -46.09 -30.00
CA TRP A 207 3.20 -44.79 -30.65
C TRP A 207 2.50 -43.74 -29.81
N PHE A 208 1.60 -44.16 -28.91
CA PHE A 208 0.92 -43.19 -28.06
C PHE A 208 1.92 -42.49 -27.15
N GLY A 209 2.93 -43.22 -26.69
CA GLY A 209 3.97 -42.59 -25.89
C GLY A 209 4.70 -41.50 -26.66
N LEU A 210 5.06 -41.78 -27.91
CA LEU A 210 5.71 -40.76 -28.73
C LEU A 210 4.79 -39.57 -28.94
N ILE A 211 3.50 -39.83 -29.21
CA ILE A 211 2.55 -38.74 -29.43
C ILE A 211 2.47 -37.85 -28.20
N VAL A 212 2.28 -38.45 -27.03
CA VAL A 212 2.13 -37.68 -25.81
C VAL A 212 3.41 -36.91 -25.50
N PHE A 213 4.56 -37.55 -25.68
CA PHE A 213 5.83 -36.89 -25.39
C PHE A 213 6.03 -35.67 -26.28
N LEU A 214 5.76 -35.82 -27.58
CA LEU A 214 5.92 -34.68 -28.49
C LEU A 214 4.95 -33.55 -28.12
N CYS A 215 3.70 -33.91 -27.84
CA CYS A 215 2.72 -32.88 -27.49
C CYS A 215 3.14 -32.12 -26.24
N MET A 216 3.58 -32.84 -25.21
CA MET A 216 3.93 -32.19 -23.96
C MET A 216 5.18 -31.34 -24.10
N SER A 217 6.18 -31.82 -24.86
CA SER A 217 7.38 -31.03 -25.07
C SER A 217 7.05 -29.73 -25.80
N LEU A 218 6.26 -29.80 -26.86
CA LEU A 218 5.88 -28.58 -27.56
C LEU A 218 5.14 -27.63 -26.65
N TYR A 219 4.19 -28.15 -25.87
CA TYR A 219 3.45 -27.33 -24.92
C TYR A 219 4.40 -26.59 -23.98
N LEU A 220 5.33 -27.33 -23.37
CA LEU A 220 6.22 -26.72 -22.39
C LEU A 220 7.08 -25.63 -23.01
N THR A 221 7.70 -25.91 -24.16
CA THR A 221 8.61 -24.93 -24.72
C THR A 221 7.88 -23.67 -25.17
N LEU A 222 6.70 -23.82 -25.80
CA LEU A 222 5.96 -22.65 -26.23
C LEU A 222 5.50 -21.84 -25.02
N THR A 223 5.06 -22.51 -23.96
CA THR A 223 4.67 -21.79 -22.76
C THR A 223 5.83 -21.00 -22.20
N ILE A 224 7.03 -21.59 -22.17
CA ILE A 224 8.19 -20.89 -21.61
C ILE A 224 8.48 -19.61 -22.40
N VAL A 225 8.54 -19.71 -23.73
CA VAL A 225 8.95 -18.53 -24.50
C VAL A 225 7.89 -17.43 -24.41
N VAL A 226 6.61 -17.79 -24.56
CA VAL A 226 5.59 -16.75 -24.49
C VAL A 226 5.52 -16.17 -23.08
N THR A 227 5.87 -16.96 -22.06
CA THR A 227 5.91 -16.42 -20.71
C THR A 227 7.02 -15.40 -20.55
N GLU A 228 8.04 -15.40 -21.40
CA GLU A 228 9.11 -14.34 -21.33
C GLU A 228 8.87 -13.01 -22.07
N TRP A 229 8.41 -13.11 -23.30
CA TRP A 229 8.08 -11.93 -24.07
C TRP A 229 6.95 -11.17 -23.29
N ARG A 230 6.03 -11.94 -22.76
CA ARG A 230 4.98 -11.29 -22.04
C ARG A 230 5.59 -10.67 -20.82
N THR A 231 6.48 -11.33 -20.11
CA THR A 231 7.14 -10.69 -18.98
C THR A 231 7.58 -9.34 -19.32
N LYS A 232 8.35 -9.21 -20.38
CA LYS A 232 8.70 -7.80 -20.69
C LYS A 232 7.52 -6.83 -20.86
N PHE A 233 6.68 -7.14 -21.84
CA PHE A 233 5.64 -6.13 -22.04
C PHE A 233 5.01 -5.82 -20.72
N ARG A 234 4.84 -6.77 -19.85
CA ARG A 234 4.14 -6.55 -18.59
C ARG A 234 4.84 -5.68 -17.62
N ARG A 235 6.06 -6.02 -17.28
CA ARG A 235 6.76 -5.13 -16.40
C ARG A 235 6.46 -3.78 -16.93
N ALA A 236 6.61 -3.57 -18.23
CA ALA A 236 6.32 -2.16 -18.61
C ALA A 236 4.93 -1.68 -18.20
N MET A 237 4.01 -2.58 -18.02
CA MET A 237 2.68 -2.17 -17.57
C MET A 237 2.69 -1.80 -16.09
N ASN A 238 3.41 -2.58 -15.27
CA ASN A 238 3.48 -2.27 -13.85
C ASN A 238 4.15 -0.93 -13.60
N THR A 239 5.23 -0.64 -14.32
CA THR A 239 5.89 0.65 -14.16
C THR A 239 4.96 1.79 -14.53
N GLN A 240 4.26 1.67 -15.67
CA GLN A 240 3.37 2.73 -16.09
C GLN A 240 2.22 2.93 -15.10
N GLU A 241 1.68 1.82 -14.57
CA GLU A 241 0.61 1.92 -13.59
C GLU A 241 1.09 2.62 -12.33
N ASN A 242 2.28 2.28 -11.84
CA ASN A 242 2.81 2.96 -10.66
C ASN A 242 2.97 4.45 -10.91
N ALA A 243 3.47 4.82 -12.10
CA ALA A 243 3.65 6.23 -12.41
C ALA A 243 2.31 6.97 -12.43
N THR A 244 1.32 6.40 -13.10
CA THR A 244 0.02 7.06 -13.18
C THR A 244 -0.62 7.18 -11.80
N ARG A 245 -0.54 6.12 -10.98
CA ARG A 245 -1.10 6.19 -9.65
C ARG A 245 -0.43 7.26 -8.81
N ALA A 246 0.91 7.33 -8.88
CA ALA A 246 1.62 8.37 -8.15
C ALA A 246 1.27 9.76 -8.67
N ARG A 247 0.91 9.87 -9.94
CA ARG A 247 0.50 11.16 -10.48
C ARG A 247 -0.76 11.70 -9.83
N ALA A 248 -1.72 10.82 -9.54
CA ALA A 248 -3.00 11.26 -9.02
C ALA A 248 -2.87 11.91 -7.65
N VAL A 249 -1.98 11.37 -6.81
CA VAL A 249 -1.84 11.90 -5.46
C VAL A 249 -1.33 13.34 -5.48
N ASP A 250 -0.48 13.66 -6.46
CA ASP A 250 0.04 15.01 -6.60
C ASP A 250 -0.86 15.88 -7.46
N SER A 251 -2.17 15.79 -7.23
CA SER A 251 -3.15 16.73 -7.76
C SER A 251 -4.23 16.90 -6.72
N LEU A 252 -4.01 16.28 -5.57
CA LEU A 252 -4.98 16.30 -4.48
C LEU A 252 -4.26 16.61 -3.17
N LEU A 253 -2.95 16.39 -3.14
CA LEU A 253 -2.12 16.78 -2.01
C LEU A 253 -1.50 18.16 -2.25
N ASN A 254 -1.77 18.74 -3.40
CA ASN A 254 -1.16 19.98 -3.85
C ASN A 254 -2.27 20.92 -4.34
N PHE A 255 -3.26 21.14 -3.49
CA PHE A 255 -4.44 21.92 -3.87
C PHE A 255 -4.10 23.39 -4.08
N GLU A 256 -3.35 23.67 -5.13
CA GLU A 256 -3.02 25.02 -5.54
C GLU A 256 -3.63 25.40 -6.87
N THR A 257 -4.36 24.48 -7.51
CA THR A 257 -4.91 24.77 -8.84
C THR A 257 -5.89 25.92 -8.79
N VAL A 258 -6.88 25.84 -7.91
CA VAL A 258 -7.86 26.92 -7.78
C VAL A 258 -7.17 28.19 -7.30
N LYS A 259 -6.17 28.02 -6.43
CA LYS A 259 -5.45 29.15 -5.86
C LYS A 259 -4.72 29.93 -6.94
N TYR A 260 -4.19 29.21 -7.94
CA TYR A 260 -3.41 29.87 -8.98
C TYR A 260 -4.29 30.35 -10.14
N TYR A 261 -4.94 29.43 -10.84
CA TYR A 261 -5.68 29.80 -12.04
C TYR A 261 -6.57 28.64 -12.44
N ASN A 262 -7.47 28.90 -13.39
CA ASN A 262 -8.43 27.89 -13.82
C ASN A 262 -7.71 26.80 -14.61
N ALA A 263 -6.91 26.03 -13.87
CA ALA A 263 -6.09 24.98 -14.45
C ALA A 263 -6.71 23.60 -14.34
N GLU A 264 -8.04 23.53 -14.19
CA GLU A 264 -8.70 22.23 -14.20
C GLU A 264 -8.51 21.53 -15.54
N SER A 265 -8.62 22.28 -16.64
CA SER A 265 -8.50 21.68 -17.96
C SER A 265 -7.13 21.06 -18.17
N TYR A 266 -6.07 21.76 -17.74
CA TYR A 266 -4.72 21.25 -17.94
C TYR A 266 -4.52 19.94 -17.20
N GLU A 267 -4.97 19.87 -15.95
CA GLU A 267 -4.82 18.65 -15.17
C GLU A 267 -5.66 17.52 -15.75
N VAL A 268 -6.87 17.83 -16.21
CA VAL A 268 -7.71 16.80 -16.82
C VAL A 268 -7.03 16.24 -18.07
N GLU A 269 -6.47 17.12 -18.90
CA GLU A 269 -5.78 16.66 -20.10
C GLU A 269 -4.58 15.79 -19.75
N ARG A 270 -3.80 16.19 -18.74
CA ARG A 270 -2.64 15.39 -18.36
C ARG A 270 -3.06 14.01 -17.88
N TYR A 271 -4.12 13.96 -17.05
CA TYR A 271 -4.61 12.67 -16.57
C TYR A 271 -5.10 11.82 -17.74
N ARG A 272 -5.76 12.44 -18.71
CA ARG A 272 -6.23 11.69 -19.87
C ARG A 272 -5.06 11.09 -20.64
N GLU A 273 -4.00 11.86 -20.84
CA GLU A 273 -2.84 11.33 -21.57
C GLU A 273 -2.20 10.16 -20.82
N ALA A 274 -2.03 10.31 -19.52
CA ALA A 274 -1.45 9.22 -18.74
C ALA A 274 -2.32 7.98 -18.80
N ILE A 275 -3.64 8.17 -18.72
CA ILE A 275 -4.57 7.04 -18.83
C ILE A 275 -4.43 6.38 -20.20
N ILE A 276 -4.27 7.18 -21.25
CA ILE A 276 -4.13 6.63 -22.60
C ILE A 276 -2.90 5.74 -22.69
N LYS A 277 -1.78 6.23 -22.17
CA LYS A 277 -0.55 5.43 -22.23
C LYS A 277 -0.70 4.13 -21.45
N TYR A 278 -1.26 4.22 -20.23
CA TYR A 278 -1.42 3.03 -19.42
C TYR A 278 -2.33 2.03 -20.10
N GLN A 279 -3.41 2.51 -20.72
CA GLN A 279 -4.33 1.63 -21.41
C GLN A 279 -3.69 0.96 -22.60
N GLY A 280 -2.84 1.68 -23.33
CA GLY A 280 -2.12 1.04 -24.43
C GLY A 280 -1.24 -0.11 -23.95
N LEU A 281 -0.47 0.13 -22.89
CA LEU A 281 0.37 -0.95 -22.36
C LEU A 281 -0.47 -2.11 -21.87
N GLU A 282 -1.58 -1.82 -21.19
CA GLU A 282 -2.45 -2.87 -20.68
C GLU A 282 -3.03 -3.71 -21.83
N TRP A 283 -3.42 -3.05 -22.92
CA TRP A 283 -3.94 -3.78 -24.07
C TRP A 283 -2.90 -4.71 -24.64
N LYS A 284 -1.65 -4.23 -24.76
CA LYS A 284 -0.61 -5.10 -25.28
C LYS A 284 -0.41 -6.32 -24.37
N SER A 285 -0.42 -6.11 -23.06
CA SER A 285 -0.24 -7.24 -22.14
C SER A 285 -1.38 -8.24 -22.26
N SER A 286 -2.62 -7.76 -22.31
CA SER A 286 -3.76 -8.67 -22.40
C SER A 286 -3.73 -9.46 -23.71
N ALA A 287 -3.36 -8.79 -24.81
CA ALA A 287 -3.24 -9.49 -26.08
C ALA A 287 -2.18 -10.58 -26.00
N SER A 288 -1.06 -10.30 -25.33
CA SER A 288 -0.04 -11.33 -25.16
C SER A 288 -0.59 -12.53 -24.40
N LEU A 289 -1.35 -12.28 -23.34
CA LEU A 289 -1.95 -13.38 -22.60
C LEU A 289 -2.88 -14.21 -23.48
N VAL A 290 -3.70 -13.55 -24.29
CA VAL A 290 -4.61 -14.28 -25.17
C VAL A 290 -3.82 -15.12 -26.15
N LEU A 291 -2.60 -14.75 -26.46
CA LEU A 291 -1.85 -15.65 -27.33
C LEU A 291 -1.26 -16.85 -26.58
N LEU A 292 -0.73 -16.73 -25.37
CA LEU A 292 -0.18 -17.91 -24.74
C LEU A 292 -1.32 -18.87 -24.56
N ASN A 293 -2.49 -18.37 -24.20
CA ASN A 293 -3.57 -19.30 -23.93
C ASN A 293 -3.85 -20.12 -25.15
N GLN A 294 -3.93 -19.52 -26.30
CA GLN A 294 -4.30 -20.30 -27.44
C GLN A 294 -3.15 -21.13 -27.96
N THR A 295 -1.93 -20.70 -27.80
CA THR A 295 -0.90 -21.58 -28.31
C THR A 295 -1.08 -22.77 -27.52
N GLN A 296 -1.37 -22.64 -26.26
CA GLN A 296 -1.53 -23.89 -25.57
C GLN A 296 -2.74 -24.65 -26.11
N ASN A 297 -3.93 -24.08 -26.06
CA ASN A 297 -5.11 -24.83 -26.47
C ASN A 297 -4.95 -25.43 -27.81
N LEU A 298 -3.91 -25.06 -28.55
CA LEU A 298 -3.70 -25.76 -29.80
C LEU A 298 -2.81 -26.93 -29.56
N VAL A 299 -1.60 -26.70 -29.12
CA VAL A 299 -0.75 -27.83 -29.00
C VAL A 299 -1.53 -28.89 -28.30
N ILE A 300 -2.53 -28.56 -27.54
CA ILE A 300 -3.29 -29.66 -26.96
C ILE A 300 -4.28 -30.22 -27.97
N GLY A 301 -4.89 -29.36 -28.77
CA GLY A 301 -5.82 -29.82 -29.78
C GLY A 301 -5.17 -30.71 -30.82
N LEU A 302 -3.97 -30.32 -31.30
CA LEU A 302 -3.26 -31.16 -32.26
C LEU A 302 -2.92 -32.51 -31.64
N GLY A 303 -2.43 -32.51 -30.41
CA GLY A 303 -2.10 -33.77 -29.76
C GLY A 303 -3.30 -34.67 -29.60
N LEU A 304 -4.42 -34.10 -29.15
CA LEU A 304 -5.63 -34.89 -28.95
C LEU A 304 -6.16 -35.43 -30.27
N LEU A 305 -6.09 -34.61 -31.33
CA LEU A 305 -6.54 -35.08 -32.65
C LEU A 305 -5.74 -36.29 -33.08
N ALA A 306 -4.41 -36.18 -33.02
CA ALA A 306 -3.56 -37.29 -33.46
C ALA A 306 -3.85 -38.54 -32.64
N GLY A 307 -3.87 -38.39 -31.31
CA GLY A 307 -4.08 -39.56 -30.46
C GLY A 307 -5.43 -40.21 -30.69
N SER A 308 -6.49 -39.40 -30.76
CA SER A 308 -7.83 -39.95 -30.93
C SER A 308 -7.97 -40.65 -32.27
N LEU A 309 -7.45 -40.05 -33.33
CA LEU A 309 -7.56 -40.67 -34.65
C LEU A 309 -6.82 -42.00 -34.68
N LEU A 310 -5.59 -42.02 -34.17
CA LEU A 310 -4.83 -43.27 -34.20
C LEU A 310 -5.50 -44.34 -33.34
N CYS A 311 -6.02 -43.95 -32.18
CA CYS A 311 -6.68 -44.92 -31.31
C CYS A 311 -7.92 -45.50 -31.98
N ALA A 312 -8.71 -44.65 -32.64
CA ALA A 312 -9.91 -45.16 -33.30
C ALA A 312 -9.55 -46.11 -34.43
N TYR A 313 -8.54 -45.75 -35.24
CA TYR A 313 -8.14 -46.64 -36.33
C TYR A 313 -7.63 -47.97 -35.79
N PHE A 314 -6.86 -47.94 -34.70
CA PHE A 314 -6.40 -49.19 -34.12
C PHE A 314 -7.54 -49.98 -33.50
N VAL A 315 -8.60 -49.29 -33.06
CA VAL A 315 -9.75 -49.99 -32.50
C VAL A 315 -10.52 -50.73 -33.58
N THR A 316 -10.70 -50.10 -34.74
CA THR A 316 -11.54 -50.70 -35.77
C THR A 316 -10.96 -52.00 -36.34
N GLU A 317 -9.69 -52.31 -36.08
CA GLU A 317 -9.06 -53.53 -36.57
C GLU A 317 -8.85 -54.54 -35.46
N GLN A 318 -9.65 -54.46 -34.39
CA GLN A 318 -9.66 -55.41 -33.29
C GLN A 318 -8.33 -55.49 -32.56
N LYS A 319 -7.45 -54.50 -32.75
CA LYS A 319 -6.20 -54.47 -32.00
C LYS A 319 -6.38 -53.97 -30.57
N LEU A 320 -7.45 -53.24 -30.30
CA LEU A 320 -7.69 -52.69 -28.96
C LEU A 320 -9.13 -52.96 -28.53
N GLN A 321 -9.54 -52.36 -27.43
CA GLN A 321 -10.89 -52.52 -26.91
C GLN A 321 -11.63 -51.20 -27.05
N VAL A 322 -12.94 -51.24 -26.81
CA VAL A 322 -13.74 -50.02 -26.90
C VAL A 322 -13.32 -49.03 -25.83
N GLY A 323 -13.08 -49.51 -24.61
CA GLY A 323 -12.79 -48.64 -23.49
C GLY A 323 -11.46 -47.91 -23.59
N ASP A 324 -10.55 -48.40 -24.43
CA ASP A 324 -9.27 -47.72 -24.56
C ASP A 324 -9.45 -46.30 -25.09
N TYR A 325 -10.46 -46.08 -25.92
CA TYR A 325 -10.72 -44.75 -26.46
C TYR A 325 -11.05 -43.76 -25.35
N VAL A 326 -12.02 -44.11 -24.51
CA VAL A 326 -12.41 -43.21 -23.42
C VAL A 326 -11.27 -43.09 -22.43
N LEU A 327 -10.50 -44.16 -22.22
CA LEU A 327 -9.35 -44.05 -21.32
C LEU A 327 -8.37 -43.02 -21.82
N PHE A 328 -8.01 -43.08 -23.11
CA PHE A 328 -7.05 -42.11 -23.63
C PHE A 328 -7.60 -40.68 -23.57
N GLY A 329 -8.87 -40.50 -23.93
CA GLY A 329 -9.44 -39.17 -23.86
C GLY A 329 -9.41 -38.60 -22.46
N THR A 330 -9.88 -39.39 -21.49
CA THR A 330 -9.90 -38.92 -20.11
C THR A 330 -8.50 -38.66 -19.59
N TYR A 331 -7.44 -39.30 -20.03
CA TYR A 331 -6.10 -38.93 -19.46
C TYR A 331 -5.51 -37.56 -19.89
N ILE A 332 -5.69 -37.25 -21.16
CA ILE A 332 -5.17 -36.00 -21.65
C ILE A 332 -5.81 -34.85 -20.90
N ILE A 333 -7.08 -34.90 -20.61
CA ILE A 333 -7.66 -33.77 -19.94
C ILE A 333 -6.96 -33.46 -18.60
N GLN A 334 -6.63 -34.48 -17.84
CA GLN A 334 -5.90 -34.27 -16.60
C GLN A 334 -4.53 -33.63 -16.80
N LEU A 335 -3.80 -34.30 -17.66
CA LEU A 335 -2.53 -33.70 -17.79
C LEU A 335 -2.77 -32.20 -18.09
N TYR A 336 -3.66 -31.88 -18.98
CA TYR A 336 -3.87 -30.48 -19.35
C TYR A 336 -4.19 -29.53 -18.22
N MET A 337 -5.16 -29.85 -17.39
CA MET A 337 -5.37 -28.94 -16.27
C MET A 337 -4.10 -28.55 -15.49
N PRO A 338 -3.52 -29.66 -15.03
CA PRO A 338 -2.40 -29.04 -14.33
C PRO A 338 -1.39 -28.28 -15.21
N LEU A 339 -1.04 -28.78 -16.36
CA LEU A 339 -0.03 -28.08 -17.13
C LEU A 339 -0.38 -26.65 -17.47
N ASN A 340 -1.64 -26.29 -17.51
CA ASN A 340 -2.06 -24.90 -17.68
C ASN A 340 -1.63 -24.00 -16.57
N TRP A 341 -2.20 -24.42 -15.47
CA TRP A 341 -1.68 -23.40 -14.51
C TRP A 341 -0.09 -23.50 -14.39
N PHE A 342 0.55 -24.56 -14.94
CA PHE A 342 2.06 -24.70 -14.90
C PHE A 342 2.65 -23.63 -15.63
N GLY A 343 2.20 -23.60 -16.81
CA GLY A 343 2.60 -22.46 -17.53
C GLY A 343 2.61 -21.27 -16.65
N THR A 344 1.46 -20.86 -16.12
CA THR A 344 1.69 -19.58 -15.29
C THR A 344 2.80 -19.67 -14.25
N TYR A 345 2.73 -20.61 -13.31
CA TYR A 345 3.75 -20.65 -12.24
C TYR A 345 5.24 -20.40 -12.55
N TYR A 346 5.70 -20.27 -13.78
CA TYR A 346 7.08 -19.96 -14.14
C TYR A 346 7.34 -18.62 -13.62
N ARG A 347 6.53 -17.67 -13.98
CA ARG A 347 6.87 -16.33 -13.56
C ARG A 347 7.02 -16.27 -12.08
N MET A 348 6.13 -16.88 -11.33
CA MET A 348 6.26 -16.65 -9.92
C MET A 348 7.44 -17.34 -9.33
N ILE A 349 7.76 -18.54 -9.71
CA ILE A 349 8.91 -19.11 -9.13
C ILE A 349 9.98 -18.10 -9.41
N GLN A 350 10.10 -17.62 -10.64
CA GLN A 350 11.21 -16.70 -10.89
C GLN A 350 11.18 -15.46 -10.02
N THR A 351 10.09 -14.76 -9.94
CA THR A 351 10.11 -13.59 -9.12
C THR A 351 10.56 -13.96 -7.77
N ASN A 352 9.88 -14.88 -7.15
CA ASN A 352 10.25 -15.10 -5.79
C ASN A 352 11.72 -15.38 -5.68
N PHE A 353 12.27 -16.29 -6.44
CA PHE A 353 13.68 -16.54 -6.23
C PHE A 353 14.44 -15.21 -6.19
N ILE A 354 13.95 -14.15 -6.79
CA ILE A 354 14.59 -12.85 -6.62
C ILE A 354 14.38 -12.32 -5.21
N ASP A 355 13.15 -12.41 -4.70
CA ASP A 355 12.87 -11.89 -3.36
C ASP A 355 13.65 -12.66 -2.30
N MET A 356 13.76 -13.98 -2.45
CA MET A 356 14.55 -14.77 -1.52
C MET A 356 16.01 -14.34 -1.54
N GLU A 357 16.55 -14.10 -2.74
CA GLU A 357 17.93 -13.62 -2.83
C GLU A 357 18.10 -12.30 -2.10
N ASN A 358 17.14 -11.38 -2.27
CA ASN A 358 17.25 -10.08 -1.60
C ASN A 358 17.20 -10.24 -0.09
N MET A 359 16.26 -11.05 0.42
CA MET A 359 16.14 -11.19 1.87
C MET A 359 17.35 -11.88 2.47
N PHE A 360 17.89 -12.90 1.79
CA PHE A 360 19.08 -13.56 2.30
C PHE A 360 20.29 -12.64 2.26
N ASP A 361 20.38 -11.79 1.24
CA ASP A 361 21.46 -10.81 1.20
C ASP A 361 21.33 -9.83 2.36
N LEU A 362 20.11 -9.41 2.67
CA LEU A 362 19.89 -8.53 3.83
C LEU A 362 20.32 -9.20 5.12
N LEU A 363 19.93 -10.46 5.32
CA LEU A 363 20.25 -11.14 6.57
C LEU A 363 21.75 -11.39 6.68
N LYS A 364 22.42 -11.70 5.57
CA LYS A 364 23.85 -11.98 5.58
C LYS A 364 24.69 -10.75 5.86
N GLU A 365 24.10 -9.55 5.80
CA GLU A 365 24.85 -8.31 6.00
C GLU A 365 25.51 -8.30 7.37
N GLU A 366 26.79 -7.91 7.40
CA GLU A 366 27.58 -7.89 8.62
C GLU A 366 28.03 -6.49 9.00
N THR A 367 27.37 -5.46 8.48
CA THR A 367 27.76 -4.07 8.75
C THR A 367 27.08 -3.62 10.05
N GLU A 368 27.61 -4.11 11.16
CA GLU A 368 27.13 -3.78 12.50
C GLU A 368 28.29 -3.39 13.40
N VAL A 369 29.12 -2.46 12.94
CA VAL A 369 30.37 -2.21 13.66
C VAL A 369 30.12 -1.25 14.82
N LYS A 370 29.56 -1.79 15.90
CA LYS A 370 29.51 -1.15 17.21
C LYS A 370 29.60 -2.20 18.31
N ASP A 371 30.09 -3.40 17.99
CA ASP A 371 29.90 -4.58 18.80
C ASP A 371 30.97 -4.68 19.89
N LEU A 372 31.01 -5.82 20.56
CA LEU A 372 31.80 -6.05 21.77
C LEU A 372 32.91 -7.05 21.50
N PRO A 373 33.99 -7.02 22.30
CA PRO A 373 35.07 -7.99 22.11
C PRO A 373 34.67 -9.40 22.52
N GLY A 374 35.64 -10.32 22.54
CA GLY A 374 35.32 -11.72 22.81
C GLY A 374 34.62 -11.92 24.13
N ALA A 375 35.02 -11.18 25.16
CA ALA A 375 34.41 -11.29 26.48
C ALA A 375 34.64 -9.99 27.23
N GLY A 376 34.26 -9.98 28.51
CA GLY A 376 34.49 -8.84 29.36
C GLY A 376 33.23 -8.12 29.77
N PRO A 377 32.76 -8.36 31.00
CA PRO A 377 31.62 -7.61 31.53
C PRO A 377 32.03 -6.26 32.08
N LEU A 378 31.08 -5.53 32.67
CA LEU A 378 31.34 -4.20 33.24
C LEU A 378 30.83 -4.13 34.67
N ARG A 379 31.59 -3.51 35.55
CA ARG A 379 31.19 -3.22 36.92
C ARG A 379 31.33 -1.72 37.16
N PHE A 380 30.23 -1.06 37.53
CA PHE A 380 30.18 0.39 37.69
C PHE A 380 30.28 0.69 39.19
N GLN A 381 31.39 1.31 39.58
CA GLN A 381 31.61 1.66 40.98
C GLN A 381 30.94 2.98 41.36
N LYS A 382 31.42 4.09 40.81
CA LYS A 382 30.88 5.40 41.16
C LYS A 382 30.58 6.30 39.97
N GLY A 383 31.27 6.17 38.83
CA GLY A 383 30.96 7.00 37.69
C GLY A 383 31.98 8.05 37.30
N ARG A 384 33.28 7.73 37.44
CA ARG A 384 34.32 8.63 36.96
C ARG A 384 34.27 8.71 35.45
N ILE A 385 34.37 9.93 34.92
CA ILE A 385 34.35 10.18 33.49
C ILE A 385 35.57 11.03 33.13
N GLU A 386 36.33 10.59 32.13
CA GLU A 386 37.50 11.33 31.66
C GLU A 386 37.56 11.28 30.15
N PHE A 387 38.13 12.32 29.55
CA PHE A 387 38.29 12.45 28.12
C PHE A 387 39.73 12.84 27.80
N GLU A 388 40.38 12.05 26.94
CA GLU A 388 41.80 12.25 26.63
C GLU A 388 41.95 12.40 25.11
N ASN A 389 41.88 13.64 24.64
CA ASN A 389 42.20 14.04 23.27
C ASN A 389 41.66 13.05 22.23
N VAL A 390 40.35 12.93 22.20
CA VAL A 390 39.71 12.01 21.25
C VAL A 390 39.34 12.75 19.97
N HIS A 391 39.49 12.08 18.84
CA HIS A 391 39.12 12.61 17.53
C HIS A 391 38.00 11.75 16.96
N PHE A 392 36.99 12.40 16.38
CA PHE A 392 35.87 11.67 15.81
C PHE A 392 35.22 12.52 14.73
N SER A 393 34.86 11.86 13.63
CA SER A 393 34.14 12.49 12.53
C SER A 393 33.05 11.54 12.05
N TYR A 394 31.80 11.91 12.30
CA TYR A 394 30.69 11.03 11.92
C TYR A 394 30.45 11.05 10.40
N ALA A 395 30.70 12.18 9.76
CA ALA A 395 30.64 12.25 8.30
C ALA A 395 32.03 11.92 7.73
N ASP A 396 32.21 12.16 6.44
CA ASP A 396 33.50 11.95 5.79
C ASP A 396 33.98 13.23 5.14
N GLY A 397 35.25 13.25 4.76
CA GLY A 397 35.86 14.41 4.17
C GLY A 397 36.54 15.29 5.18
N ARG A 398 35.76 15.99 6.01
CA ARG A 398 36.30 16.80 7.08
C ARG A 398 36.14 16.07 8.41
N GLU A 399 36.67 16.67 9.48
CA GLU A 399 36.55 16.14 10.83
C GLU A 399 35.92 17.20 11.71
N THR A 400 34.99 16.77 12.58
CA THR A 400 34.22 17.68 13.40
C THR A 400 34.71 17.77 14.84
N LEU A 401 34.92 16.64 15.49
CA LEU A 401 35.31 16.60 16.89
C LEU A 401 36.74 16.12 17.02
N GLN A 402 37.58 16.92 17.70
CA GLN A 402 38.99 16.61 17.82
C GLN A 402 39.52 17.13 19.16
N ASP A 403 40.58 16.46 19.64
CA ASP A 403 41.23 16.68 20.95
C ASP A 403 40.29 17.27 21.99
N VAL A 404 39.20 16.56 22.24
CA VAL A 404 38.22 16.95 23.26
C VAL A 404 38.64 16.31 24.58
N SER A 405 38.73 17.12 25.63
CA SER A 405 39.19 16.63 26.92
C SER A 405 38.46 17.36 28.04
N PHE A 406 37.82 16.61 28.92
CA PHE A 406 37.18 17.17 30.10
C PHE A 406 36.94 16.05 31.11
N THR A 407 36.86 16.42 32.38
CA THR A 407 36.62 15.47 33.46
C THR A 407 35.60 16.05 34.43
N VAL A 408 34.63 15.24 34.84
CA VAL A 408 33.49 15.69 35.62
C VAL A 408 33.50 15.00 36.98
N MET A 409 33.44 15.79 38.05
CA MET A 409 33.25 15.26 39.38
C MET A 409 31.83 14.74 39.56
N PRO A 410 31.63 13.75 40.43
CA PRO A 410 30.26 13.26 40.68
C PRO A 410 29.37 14.36 41.23
N GLY A 411 28.12 14.38 40.76
CA GLY A 411 27.15 15.33 41.23
C GLY A 411 27.23 16.71 40.63
N GLN A 412 28.18 16.96 39.74
CA GLN A 412 28.33 18.27 39.12
C GLN A 412 27.64 18.29 37.77
N THR A 413 26.76 19.28 37.56
CA THR A 413 25.96 19.37 36.33
C THR A 413 26.77 20.12 35.29
N LEU A 414 27.71 19.39 34.67
CA LEU A 414 28.52 19.96 33.61
C LEU A 414 27.66 20.24 32.38
N ALA A 415 27.89 21.39 31.75
CA ALA A 415 27.04 21.87 30.68
C ALA A 415 27.87 22.26 29.46
N LEU A 416 27.26 22.15 28.29
CA LEU A 416 27.87 22.54 27.02
C LEU A 416 26.98 23.56 26.33
N VAL A 417 27.59 24.61 25.78
CA VAL A 417 26.89 25.62 25.02
C VAL A 417 27.68 25.95 23.76
N GLY A 418 26.99 26.55 22.79
CA GLY A 418 27.62 26.95 21.56
C GLY A 418 26.62 27.44 20.54
N PRO A 419 27.08 27.63 19.30
CA PRO A 419 26.15 28.05 18.23
C PRO A 419 25.25 26.92 17.78
N SER A 420 24.49 27.15 16.73
CA SER A 420 23.59 26.15 16.18
C SER A 420 24.42 25.06 15.51
N GLY A 421 24.94 24.16 16.34
CA GLY A 421 25.78 23.08 15.84
C GLY A 421 25.35 21.75 16.44
N ALA A 422 25.76 20.68 15.77
CA ALA A 422 25.40 19.33 16.16
C ALA A 422 26.46 18.64 17.02
N GLY A 423 27.53 19.35 17.39
CA GLY A 423 28.57 18.74 18.20
C GLY A 423 28.08 18.29 19.56
N LYS A 424 27.18 19.08 20.17
CA LYS A 424 26.63 18.70 21.46
C LYS A 424 25.87 17.38 21.38
N SER A 425 24.99 17.25 20.39
CA SER A 425 24.29 15.99 20.19
C SER A 425 25.27 14.86 19.86
N THR A 426 26.33 15.17 19.11
CA THR A 426 27.30 14.16 18.78
C THR A 426 27.94 13.58 20.04
N ILE A 427 28.48 14.45 20.90
CA ILE A 427 29.14 13.97 22.10
C ILE A 427 28.13 13.27 23.01
N LEU A 428 26.88 13.74 23.01
CA LEU A 428 25.83 12.98 23.68
C LEU A 428 25.78 11.55 23.18
N ARG A 429 25.84 11.36 21.86
CA ARG A 429 25.84 10.01 21.30
C ARG A 429 27.08 9.22 21.71
N LEU A 430 28.26 9.83 21.64
CA LEU A 430 29.47 9.08 22.02
C LEU A 430 29.46 8.69 23.49
N LEU A 431 28.77 9.45 24.34
CA LEU A 431 28.61 9.00 25.73
C LEU A 431 27.81 7.70 25.83
N PHE A 432 27.10 7.32 24.79
CA PHE A 432 26.17 6.20 24.83
C PHE A 432 26.67 5.00 24.04
N ARG A 433 27.94 5.00 23.62
CA ARG A 433 28.50 3.91 22.80
C ARG A 433 27.64 3.67 21.56
N PHE A 434 27.25 4.77 20.91
CA PHE A 434 26.39 4.70 19.74
C PHE A 434 27.16 4.64 18.44
N TYR A 435 28.43 5.04 18.45
CA TYR A 435 29.32 4.88 17.31
C TYR A 435 30.64 4.32 17.84
N ASP A 436 31.65 4.26 16.98
CA ASP A 436 32.98 3.83 17.35
C ASP A 436 33.93 5.02 17.23
N ILE A 437 34.68 5.28 18.31
CA ILE A 437 35.63 6.39 18.32
C ILE A 437 36.70 6.14 17.26
N SER A 438 36.96 7.16 16.44
CA SER A 438 37.94 7.01 15.37
C SER A 438 39.34 6.85 15.93
N SER A 439 39.73 7.71 16.87
CA SER A 439 41.05 7.65 17.47
C SER A 439 41.03 8.42 18.79
N GLY A 440 41.63 7.83 19.82
CA GLY A 440 41.66 8.42 21.13
C GLY A 440 41.45 7.37 22.19
N CYS A 441 40.94 7.80 23.34
CA CYS A 441 40.68 6.89 24.45
C CYS A 441 39.54 7.45 25.29
N ILE A 442 38.51 6.64 25.50
CA ILE A 442 37.36 7.00 26.32
C ILE A 442 37.28 6.01 27.47
N ARG A 443 37.31 6.52 28.70
CA ARG A 443 37.24 5.68 29.88
C ARG A 443 36.11 6.13 30.78
N ILE A 444 35.47 5.16 31.44
CA ILE A 444 34.50 5.43 32.50
C ILE A 444 34.94 4.65 33.75
N ASP A 445 34.98 5.34 34.88
CA ASP A 445 35.47 4.78 36.14
C ASP A 445 36.84 4.15 35.96
N GLY A 446 37.70 4.82 35.18
CA GLY A 446 39.02 4.29 34.92
C GLY A 446 39.04 3.02 34.10
N GLN A 447 37.96 2.76 33.35
CA GLN A 447 37.88 1.58 32.49
C GLN A 447 37.49 2.02 31.09
N ASP A 448 38.25 1.58 30.10
CA ASP A 448 37.95 1.93 28.71
C ASP A 448 36.63 1.32 28.29
N ILE A 449 35.80 2.11 27.60
CA ILE A 449 34.48 1.66 27.20
C ILE A 449 34.47 0.97 25.85
N SER A 450 35.58 1.02 25.11
CA SER A 450 35.63 0.43 23.78
C SER A 450 35.66 -1.09 23.80
N GLN A 451 35.93 -1.71 24.94
CA GLN A 451 36.01 -3.16 25.05
C GLN A 451 35.23 -3.66 26.26
N VAL A 452 34.01 -3.17 26.44
CA VAL A 452 33.11 -3.68 27.47
C VAL A 452 31.74 -3.90 26.85
N THR A 453 30.94 -4.71 27.53
CA THR A 453 29.61 -5.05 27.03
C THR A 453 28.70 -3.83 27.04
N GLN A 454 27.85 -3.74 26.01
CA GLN A 454 26.93 -2.62 25.90
C GLN A 454 25.78 -2.72 26.88
N ALA A 455 25.44 -3.94 27.33
CA ALA A 455 24.25 -4.14 28.16
C ALA A 455 24.33 -3.31 29.44
N SER A 456 25.30 -3.63 30.30
CA SER A 456 25.41 -2.93 31.57
C SER A 456 25.73 -1.45 31.37
N LEU A 457 26.58 -1.14 30.37
CA LEU A 457 26.97 0.24 30.14
C LEU A 457 25.76 1.11 29.83
N ARG A 458 24.86 0.63 28.97
CA ARG A 458 23.64 1.36 28.70
C ARG A 458 22.64 1.25 29.83
N SER A 459 22.73 0.21 30.66
CA SER A 459 21.81 0.07 31.77
C SER A 459 22.06 1.12 32.85
N HIS A 460 23.33 1.38 33.18
CA HIS A 460 23.63 2.30 34.27
C HIS A 460 23.40 3.76 33.92
N ILE A 461 23.17 4.09 32.65
CA ILE A 461 23.03 5.47 32.21
C ILE A 461 21.62 5.66 31.65
N GLY A 462 20.96 6.72 32.10
CA GLY A 462 19.66 7.11 31.57
C GLY A 462 19.79 8.38 30.76
N VAL A 463 19.07 8.44 29.64
CA VAL A 463 19.17 9.56 28.71
C VAL A 463 17.78 10.12 28.47
N VAL A 464 17.65 11.44 28.60
CA VAL A 464 16.41 12.15 28.31
C VAL A 464 16.59 12.90 27.00
N PRO A 465 15.87 12.55 25.94
CA PRO A 465 16.02 13.26 24.67
C PRO A 465 15.15 14.50 24.60
N GLN A 466 15.24 15.23 23.49
CA GLN A 466 14.42 16.42 23.31
C GLN A 466 13.00 16.06 22.89
N ASP A 467 12.87 15.32 21.81
CA ASP A 467 11.58 14.94 21.24
C ASP A 467 11.35 13.46 21.55
N THR A 468 10.74 13.19 22.70
CA THR A 468 10.49 11.83 23.14
C THR A 468 9.24 11.32 22.46
N VAL A 469 9.40 10.45 21.47
CA VAL A 469 8.29 9.87 20.75
C VAL A 469 7.97 8.51 21.35
N LEU A 470 6.69 8.23 21.56
CA LEU A 470 6.24 6.94 22.06
C LEU A 470 5.23 6.32 21.11
N PHE A 471 5.15 5.00 21.14
CA PHE A 471 4.32 4.22 20.24
C PHE A 471 2.98 3.89 20.87
N ASN A 472 2.15 3.19 20.09
CA ASN A 472 0.72 3.03 20.39
C ASN A 472 0.54 2.02 21.52
N ASP A 473 0.36 2.51 22.74
CA ASP A 473 0.01 1.67 23.89
C ASP A 473 -0.36 2.63 25.02
N THR A 474 -0.83 2.09 26.13
CA THR A 474 -1.25 2.89 27.27
C THR A 474 -0.04 3.46 28.01
N ILE A 475 -0.30 4.51 28.79
CA ILE A 475 0.75 5.13 29.61
C ILE A 475 1.24 4.19 30.69
N ALA A 476 0.41 3.22 31.11
CA ALA A 476 0.85 2.28 32.14
C ALA A 476 2.08 1.51 31.68
N ASP A 477 2.05 1.01 30.45
CA ASP A 477 3.22 0.33 29.91
C ASP A 477 4.34 1.33 29.62
N ASN A 478 4.00 2.57 29.27
CA ASN A 478 5.03 3.57 29.07
C ASN A 478 5.86 3.77 30.34
N ILE A 479 5.18 3.80 31.49
CA ILE A 479 5.88 3.90 32.76
C ILE A 479 6.60 2.59 33.08
N ARG A 480 5.94 1.46 32.86
CA ARG A 480 6.53 0.16 33.19
C ARG A 480 7.73 -0.16 32.33
N TYR A 481 7.95 0.62 31.26
CA TYR A 481 9.05 0.38 30.35
C TYR A 481 10.40 0.42 31.04
N GLY A 482 10.49 1.07 32.21
CA GLY A 482 11.74 1.13 32.94
C GLY A 482 12.33 -0.23 33.29
N ARG A 483 11.49 -1.13 33.78
CA ARG A 483 11.91 -2.49 34.12
C ARG A 483 10.79 -3.46 33.78
N VAL A 484 11.11 -4.49 33.00
CA VAL A 484 10.10 -5.48 32.64
C VAL A 484 9.66 -6.25 33.87
N THR A 485 10.58 -6.54 34.79
CA THR A 485 10.26 -7.31 35.98
C THR A 485 9.64 -6.46 37.09
N ALA A 486 9.63 -5.14 36.94
CA ALA A 486 9.09 -4.28 37.99
C ALA A 486 7.58 -4.41 38.04
N GLY A 487 7.05 -4.59 39.25
CA GLY A 487 5.62 -4.69 39.46
C GLY A 487 4.98 -3.32 39.51
N ASN A 488 3.69 -3.31 39.86
CA ASN A 488 2.98 -2.05 39.98
C ASN A 488 3.39 -1.27 41.23
N ASP A 489 4.05 -1.93 42.19
CA ASP A 489 4.49 -1.24 43.40
C ASP A 489 5.48 -0.12 43.08
N GLU A 490 6.46 -0.43 42.22
CA GLU A 490 7.40 0.61 41.80
C GLU A 490 6.69 1.70 40.99
N VAL A 491 5.68 1.33 40.22
CA VAL A 491 4.93 2.35 39.46
C VAL A 491 4.24 3.31 40.42
N GLU A 492 3.60 2.78 41.45
CA GLU A 492 2.96 3.64 42.44
C GLU A 492 3.97 4.51 43.16
N ALA A 493 5.12 3.94 43.53
CA ALA A 493 6.14 4.70 44.24
C ALA A 493 6.67 5.83 43.38
N ALA A 494 6.92 5.55 42.09
CA ALA A 494 7.41 6.58 41.18
C ALA A 494 6.35 7.63 40.90
N ALA A 495 5.08 7.24 40.81
CA ALA A 495 4.02 8.22 40.62
C ALA A 495 3.93 9.16 41.82
N GLN A 496 4.05 8.60 43.03
CA GLN A 496 4.07 9.45 44.22
C GLN A 496 5.28 10.35 44.25
N ALA A 497 6.45 9.84 43.84
CA ALA A 497 7.68 10.61 43.95
C ALA A 497 7.75 11.74 42.93
N ALA A 498 7.35 11.47 41.69
CA ALA A 498 7.49 12.42 40.61
C ALA A 498 6.34 13.42 40.52
N GLY A 499 5.33 13.31 41.38
CA GLY A 499 4.22 14.23 41.36
C GLY A 499 3.35 14.12 40.11
N ILE A 500 3.13 12.91 39.62
CA ILE A 500 2.28 12.67 38.47
C ILE A 500 0.96 11.99 38.84
N HIS A 501 0.76 11.68 40.13
CA HIS A 501 -0.47 11.01 40.54
C HIS A 501 -1.70 11.88 40.32
N ASP A 502 -1.56 13.20 40.50
CA ASP A 502 -2.71 14.08 40.33
C ASP A 502 -3.24 14.04 38.90
N ALA A 503 -2.34 14.04 37.92
CA ALA A 503 -2.77 13.92 36.53
C ALA A 503 -3.42 12.56 36.28
N ILE A 504 -2.89 11.50 36.90
CA ILE A 504 -3.45 10.17 36.71
C ILE A 504 -4.89 10.13 37.25
N MET A 505 -5.10 10.67 38.44
CA MET A 505 -6.44 10.73 39.00
C MET A 505 -7.34 11.67 38.20
N ALA A 506 -6.76 12.66 37.50
CA ALA A 506 -7.55 13.54 36.67
C ALA A 506 -8.20 12.78 35.51
N PHE A 507 -7.46 11.87 34.89
CA PHE A 507 -8.02 11.06 33.81
C PHE A 507 -9.02 10.06 34.38
N PRO A 508 -10.28 10.07 33.91
CA PRO A 508 -11.27 9.14 34.47
C PRO A 508 -11.01 7.69 34.11
N GLU A 509 -10.21 7.42 33.08
CA GLU A 509 -9.95 6.07 32.63
C GLU A 509 -8.80 5.40 33.38
N GLY A 510 -8.11 6.14 34.25
CA GLY A 510 -7.04 5.56 35.03
C GLY A 510 -5.85 5.13 34.17
N TYR A 511 -5.16 4.09 34.64
CA TYR A 511 -4.01 3.57 33.92
C TYR A 511 -4.42 2.92 32.59
N ARG A 512 -5.69 2.58 32.43
CA ARG A 512 -6.19 1.93 31.23
C ARG A 512 -6.64 2.93 30.16
N THR A 513 -6.13 4.16 30.22
CA THR A 513 -6.48 5.15 29.20
C THR A 513 -5.82 4.79 27.88
N GLN A 514 -6.55 5.05 26.78
CA GLN A 514 -6.01 4.80 25.45
C GLN A 514 -5.13 5.97 25.04
N VAL A 515 -3.82 5.73 24.98
CA VAL A 515 -2.83 6.79 24.79
C VAL A 515 -2.02 6.48 23.54
N GLY A 516 -1.48 7.54 22.93
CA GLY A 516 -0.68 7.45 21.73
C GLY A 516 -1.28 8.26 20.61
N GLU A 517 -0.68 8.11 19.42
CA GLU A 517 -1.22 8.80 18.26
C GLU A 517 -2.60 8.26 17.88
N ARG A 518 -2.85 6.98 18.12
CA ARG A 518 -4.20 6.45 17.93
C ARG A 518 -5.17 6.99 18.97
N GLY A 519 -4.70 7.14 20.22
CA GLY A 519 -5.51 7.67 21.29
C GLY A 519 -5.46 9.18 21.34
N LEU A 520 -5.75 9.72 22.52
CA LEU A 520 -5.70 11.16 22.70
C LEU A 520 -4.26 11.65 22.72
N LYS A 521 -4.07 12.92 22.37
CA LYS A 521 -2.76 13.53 22.36
C LYS A 521 -2.40 14.05 23.75
N LEU A 522 -1.11 14.26 23.96
CA LEU A 522 -0.59 14.81 25.21
C LEU A 522 0.26 16.04 24.90
N SER A 523 0.50 16.84 25.94
CA SER A 523 1.28 18.05 25.82
C SER A 523 2.77 17.75 25.98
N GLY A 524 3.60 18.72 25.58
CA GLY A 524 5.03 18.56 25.70
C GLY A 524 5.49 18.40 27.14
N GLY A 525 4.95 19.21 28.04
CA GLY A 525 5.32 19.09 29.44
C GLY A 525 4.97 17.73 30.01
N GLU A 526 3.82 17.19 29.61
CA GLU A 526 3.41 15.87 30.11
C GLU A 526 4.37 14.77 29.64
N LYS A 527 4.80 14.83 28.37
CA LYS A 527 5.71 13.78 27.90
C LYS A 527 7.11 13.95 28.47
N GLN A 528 7.56 15.19 28.70
CA GLN A 528 8.80 15.35 29.48
C GLN A 528 8.66 14.75 30.87
N ARG A 529 7.51 14.98 31.52
CA ARG A 529 7.30 14.43 32.86
C ARG A 529 7.33 12.91 32.83
N VAL A 530 6.69 12.29 31.84
CA VAL A 530 6.72 10.83 31.80
C VAL A 530 8.12 10.34 31.48
N ALA A 531 8.91 11.14 30.74
CA ALA A 531 10.31 10.79 30.53
C ALA A 531 11.07 10.75 31.84
N ILE A 532 10.87 11.77 32.68
CA ILE A 532 11.49 11.75 34.02
C ILE A 532 10.98 10.55 34.81
N ALA A 533 9.70 10.21 34.65
CA ALA A 533 9.13 9.09 35.37
C ALA A 533 9.85 7.79 35.01
N ARG A 534 10.02 7.53 33.72
CA ARG A 534 10.74 6.32 33.34
C ARG A 534 12.20 6.41 33.74
N THR A 535 12.75 7.62 33.83
CA THR A 535 14.10 7.79 34.34
C THR A 535 14.21 7.31 35.79
N ILE A 536 13.24 7.68 36.63
CA ILE A 536 13.23 7.17 38.00
C ILE A 536 13.00 5.67 38.02
N LEU A 537 12.19 5.16 37.07
CA LEU A 537 12.02 3.72 36.97
C LEU A 537 13.36 3.03 36.74
N LYS A 538 14.19 3.59 35.88
CA LYS A 538 15.52 3.03 35.65
C LYS A 538 16.37 3.09 36.91
N ALA A 539 16.30 4.21 37.63
CA ALA A 539 17.16 4.49 38.78
C ALA A 539 18.63 4.36 38.38
N PRO A 540 19.12 5.21 37.49
CA PRO A 540 20.48 5.04 36.97
C PRO A 540 21.51 5.68 37.89
N GLY A 541 22.76 5.60 37.46
CA GLY A 541 23.87 6.18 38.20
C GLY A 541 24.37 7.47 37.58
N ILE A 542 24.28 7.57 36.25
CA ILE A 542 24.70 8.75 35.50
C ILE A 542 23.54 9.21 34.65
N ILE A 543 23.34 10.53 34.59
CA ILE A 543 22.21 11.10 33.87
C ILE A 543 22.77 11.97 32.75
N LEU A 544 22.71 11.47 31.52
CA LEU A 544 23.15 12.22 30.35
C LEU A 544 21.96 12.95 29.71
N LEU A 545 21.34 13.79 30.54
CA LEU A 545 20.08 14.41 30.16
C LEU A 545 20.31 15.54 29.15
N ASP A 546 19.30 15.78 28.33
CA ASP A 546 19.28 16.93 27.42
C ASP A 546 18.05 17.77 27.72
N GLU A 547 18.26 19.08 27.83
CA GLU A 547 17.18 19.98 28.22
C GLU A 547 16.11 20.05 27.12
N ALA A 548 14.85 20.09 27.56
CA ALA A 548 13.74 20.25 26.62
C ALA A 548 13.72 21.66 26.05
N THR A 549 13.29 21.78 24.79
CA THR A 549 13.23 23.05 24.09
C THR A 549 11.80 23.59 24.04
N SER A 550 11.02 23.36 25.10
CA SER A 550 9.63 23.79 25.12
C SER A 550 9.47 25.02 26.02
N ALA A 551 8.82 26.05 25.48
CA ALA A 551 8.53 27.25 26.25
C ALA A 551 7.34 26.98 27.17
N LEU A 552 7.49 27.29 28.45
CA LEU A 552 6.47 26.97 29.43
C LEU A 552 6.62 27.91 30.62
N ASP A 553 5.58 27.94 31.47
CA ASP A 553 5.57 28.83 32.61
C ASP A 553 6.72 28.52 33.56
N THR A 554 7.32 29.59 34.12
CA THR A 554 8.53 29.43 34.89
C THR A 554 8.32 28.60 36.16
N SER A 555 7.10 28.61 36.70
CA SER A 555 6.82 27.78 37.88
C SER A 555 6.93 26.30 37.55
N ASN A 556 6.38 25.87 36.42
CA ASN A 556 6.49 24.47 36.04
C ASN A 556 7.94 24.11 35.71
N GLU A 557 8.68 25.04 35.09
CA GLU A 557 10.09 24.78 34.81
C GLU A 557 10.89 24.62 36.10
N ARG A 558 10.61 25.45 37.10
CA ARG A 558 11.32 25.31 38.37
C ARG A 558 10.92 24.04 39.10
N ALA A 559 9.66 23.62 38.97
CA ALA A 559 9.26 22.32 39.52
C ALA A 559 10.00 21.19 38.82
N ILE A 560 10.13 21.28 37.50
CA ILE A 560 10.87 20.27 36.75
C ILE A 560 12.33 20.24 37.19
N GLN A 561 12.93 21.42 37.38
CA GLN A 561 14.32 21.47 37.82
C GLN A 561 14.49 20.90 39.23
N ALA A 562 13.52 21.17 40.11
CA ALA A 562 13.58 20.59 41.45
C ALA A 562 13.48 19.06 41.39
N SER A 563 12.60 18.55 40.53
CA SER A 563 12.50 17.10 40.37
C SER A 563 13.81 16.53 39.81
N LEU A 564 14.40 17.21 38.83
CA LEU A 564 15.66 16.73 38.26
C LEU A 564 16.77 16.74 39.29
N ALA A 565 16.82 17.76 40.15
CA ALA A 565 17.79 17.78 41.22
C ALA A 565 17.55 16.65 42.21
N LYS A 566 16.28 16.37 42.53
CA LYS A 566 15.98 15.32 43.50
C LYS A 566 16.18 13.92 42.92
N VAL A 567 16.24 13.78 41.59
CA VAL A 567 16.58 12.49 41.01
C VAL A 567 18.08 12.41 40.69
N CYS A 568 18.75 13.55 40.51
CA CYS A 568 20.18 13.57 40.23
C CYS A 568 21.01 13.86 41.47
N ALA A 569 20.40 13.88 42.65
CA ALA A 569 21.15 14.07 43.88
C ALA A 569 22.19 12.97 44.03
N ASN A 570 23.40 13.36 44.45
CA ASN A 570 24.58 12.51 44.52
C ASN A 570 24.73 11.64 43.27
N ARG A 571 24.34 12.19 42.12
CA ARG A 571 24.45 11.49 40.84
C ARG A 571 25.04 12.43 39.79
N THR A 572 25.91 11.88 38.95
CA THR A 572 26.53 12.65 37.89
C THR A 572 25.49 13.11 36.87
N THR A 573 25.64 14.34 36.39
CA THR A 573 24.67 14.92 35.47
C THR A 573 25.39 15.73 34.40
N ILE A 574 24.94 15.59 33.15
CA ILE A 574 25.40 16.40 32.03
C ILE A 574 24.18 16.99 31.35
N VAL A 575 24.17 18.31 31.18
CA VAL A 575 23.03 19.02 30.62
C VAL A 575 23.49 19.85 29.44
N VAL A 576 22.72 19.79 28.34
CA VAL A 576 22.98 20.62 27.17
C VAL A 576 21.77 21.52 26.97
N ALA A 577 22.01 22.83 26.93
CA ALA A 577 20.93 23.79 26.80
C ALA A 577 21.50 25.10 26.30
N HIS A 578 20.62 25.93 25.73
CA HIS A 578 20.98 27.26 25.28
C HIS A 578 20.48 28.36 26.21
N ARG A 579 19.89 27.99 27.34
CA ARG A 579 19.38 28.95 28.31
C ARG A 579 20.25 28.91 29.56
N LEU A 580 20.37 30.06 30.24
CA LEU A 580 21.24 30.19 31.39
C LEU A 580 20.63 29.61 32.67
N SER A 581 19.37 29.16 32.63
CA SER A 581 18.73 28.63 33.82
C SER A 581 19.45 27.39 34.33
N THR A 582 19.87 26.52 33.42
CA THR A 582 20.64 25.34 33.80
C THR A 582 22.12 25.62 33.95
N VAL A 583 22.54 26.86 33.70
CA VAL A 583 23.97 27.19 33.74
C VAL A 583 24.33 27.97 34.99
N VAL A 584 23.39 28.75 35.54
CA VAL A 584 23.69 29.59 36.69
C VAL A 584 24.14 28.73 37.88
N ASN A 585 23.48 27.60 38.09
CA ASN A 585 23.86 26.69 39.17
C ASN A 585 24.85 25.63 38.71
N ALA A 586 25.23 25.62 37.44
CA ALA A 586 26.16 24.62 36.93
C ALA A 586 27.54 24.83 37.52
N ASP A 587 28.24 23.72 37.75
CA ASP A 587 29.57 23.77 38.33
C ASP A 587 30.66 23.98 37.28
N GLN A 588 30.44 23.55 36.04
CA GLN A 588 31.43 23.69 34.98
C GLN A 588 30.70 23.80 33.65
N ILE A 589 31.14 24.72 32.81
CA ILE A 589 30.51 24.96 31.51
C ILE A 589 31.59 24.95 30.43
N LEU A 590 31.32 24.27 29.34
CA LEU A 590 32.21 24.21 28.18
C LEU A 590 31.52 24.82 26.98
N VAL A 591 32.31 25.44 26.11
CA VAL A 591 31.82 26.02 24.87
C VAL A 591 32.54 25.34 23.71
N ILE A 592 31.78 24.87 22.74
CA ILE A 592 32.33 24.18 21.57
C ILE A 592 32.32 25.13 20.39
N LYS A 593 33.46 25.26 19.72
CA LYS A 593 33.60 26.13 18.54
C LYS A 593 34.13 25.28 17.39
N ASP A 594 33.22 24.59 16.70
CA ASP A 594 33.55 23.74 15.56
C ASP A 594 34.65 22.74 15.92
N GLY A 595 34.51 22.12 17.09
CA GLY A 595 35.48 21.17 17.58
C GLY A 595 36.60 21.75 18.41
N CYS A 596 36.39 22.92 19.00
CA CYS A 596 37.40 23.55 19.86
C CYS A 596 36.77 23.88 21.20
N ILE A 597 37.54 23.66 22.26
CA ILE A 597 37.12 23.97 23.63
C ILE A 597 38.17 24.87 24.24
N VAL A 598 37.73 26.03 24.74
CA VAL A 598 38.65 27.03 25.29
C VAL A 598 38.29 27.45 26.71
N GLU A 599 37.27 26.85 27.32
CA GLU A 599 36.93 27.15 28.72
C GLU A 599 37.14 25.91 29.57
N ARG A 600 37.62 26.14 30.79
CA ARG A 600 37.82 25.05 31.75
C ARG A 600 37.94 25.66 33.14
N GLY A 601 37.79 24.80 34.15
CA GLY A 601 37.96 25.18 35.53
C GLY A 601 36.64 25.17 36.29
N ARG A 602 36.72 25.61 37.54
CA ARG A 602 35.57 25.63 38.43
C ARG A 602 34.63 26.78 38.04
N HIS A 603 33.45 26.80 38.67
CA HIS A 603 32.45 27.81 38.35
C HIS A 603 32.97 29.22 38.63
N GLU A 604 33.56 29.42 39.82
CA GLU A 604 34.15 30.71 40.13
C GLU A 604 35.30 31.04 39.20
N ALA A 605 36.08 30.03 38.81
CA ALA A 605 37.18 30.26 37.88
C ALA A 605 36.68 30.77 36.53
N LEU A 606 35.63 30.14 35.99
CA LEU A 606 35.11 30.58 34.70
C LEU A 606 34.42 31.93 34.79
N LEU A 607 33.77 32.22 35.93
CA LEU A 607 33.23 33.57 36.11
C LEU A 607 34.34 34.61 36.14
N SER A 608 35.45 34.30 36.82
CA SER A 608 36.55 35.26 36.94
C SER A 608 37.46 35.29 35.71
N ARG A 609 37.30 34.36 34.77
CA ARG A 609 38.20 34.32 33.62
C ARG A 609 38.03 35.56 32.73
N GLY A 610 36.81 36.07 32.61
CA GLY A 610 36.55 37.23 31.77
C GLY A 610 36.72 36.98 30.28
N GLY A 611 36.22 35.85 29.79
CA GLY A 611 36.31 35.53 28.38
C GLY A 611 35.00 35.74 27.64
N VAL A 612 34.25 34.65 27.45
CA VAL A 612 32.98 34.65 26.75
C VAL A 612 31.86 35.07 27.69
N TYR A 613 32.23 35.62 28.85
CA TYR A 613 31.25 36.21 29.75
C TYR A 613 30.39 37.24 29.01
N ALA A 614 30.97 37.91 28.01
CA ALA A 614 30.16 38.78 27.15
C ALA A 614 29.08 38.00 26.43
N ASP A 615 29.41 36.79 25.96
CA ASP A 615 28.40 35.94 25.35
C ASP A 615 27.34 35.54 26.37
N MET A 616 27.75 35.28 27.61
CA MET A 616 26.75 35.04 28.66
C MET A 616 25.83 36.22 28.91
N TRP A 617 26.36 37.44 28.96
CA TRP A 617 25.48 38.60 29.14
C TRP A 617 24.54 38.77 27.94
N GLN A 618 25.07 38.61 26.72
CA GLN A 618 24.24 38.82 25.55
C GLN A 618 23.24 37.70 25.31
N LEU A 619 23.45 36.53 25.92
CA LEU A 619 22.45 35.47 25.87
C LEU A 619 21.30 35.72 26.84
N GLN A 620 21.57 36.41 27.96
CA GLN A 620 20.55 36.59 28.99
C GLN A 620 19.38 37.43 28.49
N GLN A 621 19.66 38.49 27.74
CA GLN A 621 18.60 39.36 27.21
C GLN A 621 18.71 39.48 25.69
N ARG B 35 -35.38 -7.35 -3.66
CA ARG B 35 -34.50 -6.85 -2.60
C ARG B 35 -33.68 -5.67 -3.10
N ASP B 36 -34.36 -4.72 -3.75
CA ASP B 36 -33.77 -3.48 -4.23
C ASP B 36 -32.74 -3.71 -5.33
N PHE B 37 -32.66 -4.94 -5.83
CA PHE B 37 -31.73 -5.27 -6.92
C PHE B 37 -32.09 -4.56 -8.22
N GLY B 38 -33.34 -4.13 -8.36
CA GLY B 38 -33.80 -3.56 -9.61
C GLY B 38 -33.06 -2.30 -10.04
N ARG B 39 -33.00 -1.30 -9.15
CA ARG B 39 -32.26 -0.09 -9.47
C ARG B 39 -30.77 -0.36 -9.62
N LYS B 40 -30.23 -1.28 -8.82
CA LYS B 40 -28.82 -1.61 -8.91
C LYS B 40 -28.49 -2.16 -10.29
N LEU B 41 -29.28 -3.12 -10.76
CA LEU B 41 -29.07 -3.69 -12.08
C LEU B 41 -29.34 -2.66 -13.17
N ARG B 42 -30.27 -1.74 -12.93
CA ARG B 42 -30.52 -0.68 -13.90
C ARG B 42 -29.29 0.20 -14.07
N LEU B 43 -28.65 0.57 -12.96
CA LEU B 43 -27.43 1.36 -13.03
C LEU B 43 -26.31 0.58 -13.70
N LEU B 44 -26.18 -0.71 -13.38
CA LEU B 44 -25.17 -1.52 -14.04
C LEU B 44 -25.39 -1.59 -15.53
N SER B 45 -26.65 -1.77 -15.97
CA SER B 45 -26.95 -1.79 -17.39
C SER B 45 -26.63 -0.45 -18.04
N GLY B 46 -26.93 0.64 -17.34
CA GLY B 46 -26.60 1.96 -17.84
C GLY B 46 -25.10 2.10 -18.08
N TYR B 47 -24.31 1.56 -17.15
CA TYR B 47 -22.85 1.66 -17.32
C TYR B 47 -22.31 0.65 -18.31
N LEU B 48 -23.07 -0.41 -18.63
CA LEU B 48 -22.57 -1.43 -19.55
C LEU B 48 -22.52 -0.94 -20.99
N TRP B 49 -23.58 -0.31 -21.45
CA TRP B 49 -23.69 0.05 -22.87
C TRP B 49 -22.84 1.28 -23.16
N PRO B 50 -21.95 1.19 -24.13
CA PRO B 50 -21.12 2.36 -24.48
C PRO B 50 -21.91 3.42 -25.23
N ARG B 51 -22.59 4.30 -24.49
CA ARG B 51 -23.43 5.33 -25.08
C ARG B 51 -22.69 6.23 -26.07
N GLY B 52 -21.37 6.09 -26.18
CA GLY B 52 -20.59 7.00 -27.00
C GLY B 52 -20.33 6.52 -28.41
N SER B 53 -19.10 6.06 -28.66
CA SER B 53 -18.70 5.73 -30.01
C SER B 53 -19.57 4.60 -30.57
N PRO B 54 -20.01 4.71 -31.83
CA PRO B 54 -20.86 3.67 -32.41
C PRO B 54 -20.11 2.44 -32.85
N ALA B 55 -18.79 2.44 -32.78
CA ALA B 55 -17.96 1.33 -33.21
C ALA B 55 -17.73 0.30 -32.10
N LEU B 56 -18.42 0.43 -30.97
CA LEU B 56 -18.28 -0.51 -29.88
C LEU B 56 -19.53 -1.32 -29.59
N GLN B 57 -20.72 -0.82 -29.94
CA GLN B 57 -21.93 -1.63 -29.78
C GLN B 57 -21.85 -2.90 -30.63
N LEU B 58 -21.23 -2.79 -31.81
CA LEU B 58 -21.00 -3.98 -32.63
C LEU B 58 -20.12 -4.97 -31.89
N VAL B 59 -19.09 -4.48 -31.21
CA VAL B 59 -18.20 -5.37 -30.45
C VAL B 59 -18.97 -6.04 -29.32
N VAL B 60 -19.83 -5.30 -28.62
CA VAL B 60 -20.61 -5.89 -27.54
C VAL B 60 -21.55 -6.96 -28.07
N LEU B 61 -22.20 -6.69 -29.21
CA LEU B 61 -23.08 -7.70 -29.79
C LEU B 61 -22.31 -8.94 -30.18
N ILE B 62 -21.12 -8.77 -30.76
CA ILE B 62 -20.30 -9.91 -31.13
C ILE B 62 -19.92 -10.72 -29.89
N CYS B 63 -19.58 -10.03 -28.81
CA CYS B 63 -19.21 -10.73 -27.58
C CYS B 63 -20.38 -11.54 -27.03
N LEU B 64 -21.58 -10.96 -27.02
CA LEU B 64 -22.74 -11.71 -26.54
C LEU B 64 -23.02 -12.92 -27.43
N GLY B 65 -22.90 -12.75 -28.75
CA GLY B 65 -23.07 -13.88 -29.64
C GLY B 65 -22.06 -14.97 -29.39
N LEU B 66 -20.81 -14.59 -29.11
CA LEU B 66 -19.80 -15.58 -28.78
C LEU B 66 -20.14 -16.31 -27.49
N MET B 67 -20.66 -15.59 -26.50
CA MET B 67 -21.09 -16.25 -25.26
C MET B 67 -22.18 -17.27 -25.54
N GLY B 68 -23.16 -16.90 -26.38
CA GLY B 68 -24.20 -17.85 -26.73
C GLY B 68 -23.67 -19.07 -27.44
N LEU B 69 -22.73 -18.86 -28.38
CA LEU B 69 -22.13 -19.99 -29.09
C LEU B 69 -21.39 -20.90 -28.13
N GLU B 70 -20.66 -20.33 -27.17
CA GLU B 70 -19.98 -21.15 -26.18
C GLU B 70 -20.97 -21.97 -25.36
N ARG B 71 -22.08 -21.35 -24.96
CA ARG B 71 -23.07 -22.08 -24.18
C ARG B 71 -23.70 -23.21 -24.98
N ALA B 72 -23.90 -23.01 -26.28
CA ALA B 72 -24.43 -24.09 -27.11
C ALA B 72 -23.42 -25.22 -27.28
N LEU B 73 -22.15 -24.88 -27.52
CA LEU B 73 -21.12 -25.91 -27.67
C LEU B 73 -20.99 -26.73 -26.40
N ASN B 74 -21.07 -26.06 -25.24
CA ASN B 74 -20.89 -26.73 -23.96
C ASN B 74 -21.91 -27.86 -23.79
N VAL B 75 -23.07 -27.73 -24.43
CA VAL B 75 -24.07 -28.79 -24.36
C VAL B 75 -23.90 -29.78 -25.50
N LEU B 76 -23.53 -29.31 -26.69
CA LEU B 76 -23.58 -30.18 -27.85
C LEU B 76 -22.31 -31.01 -28.06
N VAL B 77 -21.25 -30.76 -27.30
CA VAL B 77 -20.05 -31.61 -27.40
C VAL B 77 -20.30 -33.03 -26.88
N PRO B 78 -20.86 -33.22 -25.69
CA PRO B 78 -21.06 -34.61 -25.22
C PRO B 78 -21.94 -35.43 -26.12
N ILE B 79 -22.85 -34.80 -26.85
CA ILE B 79 -23.67 -35.55 -27.81
C ILE B 79 -22.78 -36.17 -28.88
N PHE B 80 -21.81 -35.41 -29.38
CA PHE B 80 -20.88 -35.97 -30.34
C PHE B 80 -20.00 -37.05 -29.71
N TYR B 81 -19.64 -36.88 -28.45
CA TYR B 81 -18.87 -37.92 -27.77
C TYR B 81 -19.67 -39.23 -27.71
N ARG B 82 -20.95 -39.14 -27.36
CA ARG B 82 -21.80 -40.31 -27.32
C ARG B 82 -21.97 -40.93 -28.70
N ASN B 83 -22.10 -40.10 -29.73
CA ASN B 83 -22.19 -40.63 -31.08
C ASN B 83 -20.93 -41.40 -31.45
N ILE B 84 -19.76 -40.87 -31.07
CA ILE B 84 -18.51 -41.56 -31.37
C ILE B 84 -18.48 -42.92 -30.69
N VAL B 85 -18.85 -42.95 -29.40
CA VAL B 85 -18.81 -44.22 -28.67
C VAL B 85 -19.79 -45.22 -29.28
N ASN B 86 -20.98 -44.76 -29.63
CA ASN B 86 -21.97 -45.64 -30.23
C ASN B 86 -21.49 -46.20 -31.55
N LEU B 87 -20.90 -45.34 -32.40
CA LEU B 87 -20.38 -45.82 -33.68
C LEU B 87 -19.23 -46.79 -33.47
N LEU B 88 -18.42 -46.58 -32.45
CA LEU B 88 -17.32 -47.50 -32.17
C LEU B 88 -17.81 -48.85 -31.71
N THR B 89 -18.92 -48.88 -30.95
CA THR B 89 -19.36 -50.15 -30.37
C THR B 89 -20.12 -51.04 -31.34
N GLU B 90 -20.50 -50.54 -32.52
CA GLU B 90 -21.22 -51.36 -33.51
C GLU B 90 -20.38 -51.66 -34.74
N LYS B 91 -19.06 -51.51 -34.66
CA LYS B 91 -18.14 -51.83 -35.75
C LYS B 91 -18.51 -51.08 -37.03
N ALA B 92 -18.49 -49.75 -36.93
CA ALA B 92 -18.76 -48.91 -38.07
C ALA B 92 -17.58 -48.92 -39.04
N PRO B 93 -17.82 -48.58 -40.31
CA PRO B 93 -16.70 -48.47 -41.25
C PRO B 93 -15.79 -47.30 -40.89
N TRP B 94 -14.58 -47.36 -41.43
CA TRP B 94 -13.52 -46.42 -41.05
C TRP B 94 -13.88 -44.98 -41.44
N ASN B 95 -14.54 -44.78 -42.58
CA ASN B 95 -14.76 -43.44 -43.08
C ASN B 95 -15.62 -42.61 -42.14
N SER B 96 -16.77 -43.15 -41.75
CA SER B 96 -17.67 -42.42 -40.85
C SER B 96 -17.00 -42.16 -39.51
N LEU B 97 -16.29 -43.15 -38.98
CA LEU B 97 -15.60 -42.96 -37.71
C LEU B 97 -14.58 -41.84 -37.80
N ALA B 98 -13.78 -41.82 -38.87
CA ALA B 98 -12.77 -40.79 -39.01
C ALA B 98 -13.39 -39.42 -39.12
N TRP B 99 -14.44 -39.28 -39.92
CA TRP B 99 -15.07 -37.98 -40.07
C TRP B 99 -15.65 -37.49 -38.74
N THR B 100 -16.35 -38.38 -38.03
CA THR B 100 -16.97 -37.99 -36.77
C THR B 100 -15.93 -37.63 -35.73
N VAL B 101 -14.83 -38.39 -35.65
CA VAL B 101 -13.82 -38.09 -34.65
C VAL B 101 -13.10 -36.79 -34.96
N THR B 102 -12.85 -36.51 -36.24
CA THR B 102 -12.26 -35.22 -36.59
C THR B 102 -13.18 -34.09 -36.20
N SER B 103 -14.48 -34.23 -36.49
CA SER B 103 -15.43 -33.18 -36.12
C SER B 103 -15.47 -32.99 -34.62
N TYR B 104 -15.48 -34.08 -33.86
CA TYR B 104 -15.53 -33.97 -32.41
C TYR B 104 -14.29 -33.28 -31.86
N VAL B 105 -13.11 -33.61 -32.39
CA VAL B 105 -11.89 -32.99 -31.89
C VAL B 105 -11.88 -31.50 -32.23
N PHE B 106 -12.29 -31.14 -33.44
CA PHE B 106 -12.36 -29.72 -33.78
C PHE B 106 -13.32 -28.99 -32.87
N LEU B 107 -14.48 -29.60 -32.59
CA LEU B 107 -15.45 -28.96 -31.71
C LEU B 107 -14.91 -28.82 -30.30
N LYS B 108 -14.18 -29.83 -29.81
CA LYS B 108 -13.57 -29.73 -28.49
C LYS B 108 -12.54 -28.61 -28.45
N PHE B 109 -11.78 -28.43 -29.54
CA PHE B 109 -10.84 -27.32 -29.59
C PHE B 109 -11.57 -25.98 -29.58
N LEU B 110 -12.67 -25.86 -30.31
CA LEU B 110 -13.43 -24.62 -30.31
C LEU B 110 -14.03 -24.36 -28.94
N GLN B 111 -14.66 -25.37 -28.36
CA GLN B 111 -15.21 -25.27 -27.02
C GLN B 111 -14.07 -25.24 -26.00
N GLY B 112 -14.40 -24.80 -24.79
CA GLY B 112 -13.40 -24.77 -23.75
C GLY B 112 -12.90 -26.15 -23.40
N GLY B 113 -11.67 -26.46 -23.80
CA GLY B 113 -11.10 -27.77 -23.54
C GLY B 113 -10.59 -27.91 -22.12
N GLY B 114 -11.43 -27.57 -21.16
CA GLY B 114 -11.05 -27.59 -19.76
C GLY B 114 -11.33 -26.27 -19.07
N THR B 115 -11.84 -26.35 -17.84
CA THR B 115 -12.13 -25.23 -16.94
C THR B 115 -12.78 -24.03 -17.63
N GLY B 116 -13.55 -24.27 -18.69
CA GLY B 116 -14.39 -23.23 -19.24
C GLY B 116 -13.68 -22.12 -20.00
N SER B 117 -12.63 -21.56 -19.41
CA SER B 117 -11.99 -20.35 -19.90
C SER B 117 -10.74 -20.64 -20.73
N THR B 118 -10.77 -21.71 -21.54
CA THR B 118 -9.63 -22.09 -22.35
C THR B 118 -9.88 -22.06 -23.85
N GLY B 119 -11.09 -22.35 -24.31
CA GLY B 119 -11.34 -22.52 -25.73
C GLY B 119 -11.16 -21.24 -26.53
N PHE B 120 -11.26 -21.41 -27.85
CA PHE B 120 -11.11 -20.30 -28.77
C PHE B 120 -12.16 -19.22 -28.54
N VAL B 121 -13.40 -19.64 -28.28
CA VAL B 121 -14.49 -18.68 -28.16
C VAL B 121 -14.27 -17.74 -26.99
N SER B 122 -13.92 -18.30 -25.83
CA SER B 122 -13.67 -17.47 -24.65
C SER B 122 -12.50 -16.53 -24.88
N ASN B 123 -11.48 -17.01 -25.58
CA ASN B 123 -10.32 -16.15 -25.85
C ASN B 123 -10.68 -14.97 -26.73
N LEU B 124 -11.48 -15.20 -27.78
CA LEU B 124 -11.92 -14.07 -28.60
C LEU B 124 -12.77 -13.10 -27.79
N ARG B 125 -13.65 -13.65 -26.94
CA ARG B 125 -14.49 -12.79 -26.11
C ARG B 125 -13.63 -11.90 -25.23
N THR B 126 -12.58 -12.45 -24.62
CA THR B 126 -11.65 -11.64 -23.85
C THR B 126 -10.95 -10.62 -24.73
N PHE B 127 -10.56 -11.03 -25.94
CA PHE B 127 -9.78 -10.16 -26.81
C PHE B 127 -10.56 -8.91 -27.21
N LEU B 128 -11.89 -8.99 -27.23
CA LEU B 128 -12.66 -7.78 -27.49
C LEU B 128 -13.09 -7.05 -26.22
N TRP B 129 -13.41 -7.81 -25.17
CA TRP B 129 -13.82 -7.16 -23.94
C TRP B 129 -12.71 -6.36 -23.30
N ILE B 130 -11.44 -6.66 -23.59
CA ILE B 130 -10.38 -5.82 -23.02
C ILE B 130 -10.49 -4.40 -23.54
N ARG B 131 -10.72 -4.25 -24.85
CA ARG B 131 -10.87 -2.92 -25.43
C ARG B 131 -12.11 -2.22 -24.85
N VAL B 132 -13.24 -2.93 -24.79
CA VAL B 132 -14.45 -2.25 -24.32
C VAL B 132 -14.30 -1.87 -22.84
N GLN B 133 -13.65 -2.72 -22.05
CA GLN B 133 -13.47 -2.45 -20.63
C GLN B 133 -12.52 -1.28 -20.42
N GLN B 134 -11.46 -1.19 -21.21
CA GLN B 134 -10.59 -0.02 -21.12
C GLN B 134 -11.37 1.25 -21.41
N PHE B 135 -12.21 1.23 -22.44
CA PHE B 135 -13.00 2.41 -22.76
C PHE B 135 -13.87 2.84 -21.58
N THR B 136 -14.64 1.89 -21.03
CA THR B 136 -15.56 2.28 -19.96
C THR B 136 -14.81 2.71 -18.70
N SER B 137 -13.71 2.04 -18.37
CA SER B 137 -12.95 2.42 -17.18
C SER B 137 -12.36 3.81 -17.34
N ARG B 138 -11.83 4.13 -18.52
CA ARG B 138 -11.31 5.47 -18.75
C ARG B 138 -12.41 6.51 -18.58
N ARG B 139 -13.58 6.27 -19.16
CA ARG B 139 -14.65 7.26 -19.05
C ARG B 139 -15.04 7.48 -17.59
N VAL B 140 -15.24 6.39 -16.85
CA VAL B 140 -15.71 6.54 -15.47
C VAL B 140 -14.64 7.20 -14.61
N GLU B 141 -13.36 6.88 -14.86
CA GLU B 141 -12.29 7.47 -14.05
C GLU B 141 -12.16 8.95 -14.31
N LEU B 142 -12.23 9.38 -15.58
CA LEU B 142 -12.19 10.81 -15.85
C LEU B 142 -13.37 11.52 -15.22
N LEU B 143 -14.56 10.93 -15.29
CA LEU B 143 -15.73 11.56 -14.69
C LEU B 143 -15.53 11.77 -13.20
N ILE B 144 -15.13 10.72 -12.48
CA ILE B 144 -15.04 10.84 -11.03
C ILE B 144 -13.91 11.79 -10.65
N PHE B 145 -12.80 11.76 -11.38
CA PHE B 145 -11.70 12.66 -11.09
C PHE B 145 -12.13 14.12 -11.24
N SER B 146 -12.79 14.44 -12.36
CA SER B 146 -13.20 15.82 -12.58
C SER B 146 -14.20 16.27 -11.52
N HIS B 147 -15.21 15.44 -11.24
CA HIS B 147 -16.21 15.85 -10.25
C HIS B 147 -15.62 15.98 -8.86
N LEU B 148 -14.64 15.14 -8.51
CA LEU B 148 -13.99 15.27 -7.22
C LEU B 148 -13.14 16.53 -7.16
N HIS B 149 -12.47 16.87 -8.26
CA HIS B 149 -11.68 18.08 -8.28
C HIS B 149 -12.55 19.33 -8.27
N GLU B 150 -13.83 19.21 -8.63
CA GLU B 150 -14.70 20.38 -8.68
C GLU B 150 -15.19 20.81 -7.30
N LEU B 151 -14.99 19.99 -6.27
CA LEU B 151 -15.52 20.29 -4.95
C LEU B 151 -14.83 21.51 -4.33
N SER B 152 -15.33 21.94 -3.19
CA SER B 152 -14.80 23.11 -2.49
C SER B 152 -13.64 22.70 -1.59
N LEU B 153 -13.19 23.63 -0.74
CA LEU B 153 -12.02 23.41 0.09
C LEU B 153 -12.38 22.75 1.42
N ARG B 154 -13.52 23.12 2.01
CA ARG B 154 -13.87 22.60 3.33
C ARG B 154 -13.99 21.09 3.31
N TRP B 155 -14.64 20.55 2.29
CA TRP B 155 -14.78 19.09 2.19
C TRP B 155 -13.41 18.44 2.01
N HIS B 156 -12.53 19.08 1.24
CA HIS B 156 -11.20 18.53 0.99
C HIS B 156 -10.31 18.57 2.24
N LEU B 157 -10.56 19.48 3.16
CA LEU B 157 -9.90 19.44 4.45
C LEU B 157 -10.63 18.56 5.46
N GLY B 158 -11.86 18.16 5.15
CA GLY B 158 -12.59 17.28 6.06
C GLY B 158 -11.96 15.92 6.21
N ARG B 159 -11.41 15.37 5.13
CA ARG B 159 -10.83 14.03 5.14
C ARG B 159 -9.48 14.04 4.45
N ARG B 160 -8.63 13.10 4.82
CA ARG B 160 -7.30 13.00 4.23
C ARG B 160 -7.40 12.44 2.81
N THR B 161 -6.34 12.68 2.03
CA THR B 161 -6.36 12.36 0.61
C THR B 161 -6.23 10.85 0.36
N GLY B 162 -5.49 10.15 1.22
CA GLY B 162 -5.25 8.73 0.98
C GLY B 162 -6.54 7.92 0.98
N GLU B 163 -7.40 8.18 1.96
CA GLU B 163 -8.65 7.43 2.06
C GLU B 163 -9.55 7.67 0.85
N VAL B 164 -9.67 8.94 0.43
CA VAL B 164 -10.54 9.24 -0.70
C VAL B 164 -9.98 8.67 -1.99
N LEU B 165 -8.66 8.71 -2.16
CA LEU B 165 -8.07 8.11 -3.36
C LEU B 165 -8.27 6.61 -3.38
N ARG B 166 -8.12 5.95 -2.23
CA ARG B 166 -8.38 4.52 -2.17
C ARG B 166 -9.84 4.23 -2.49
N ILE B 167 -10.75 5.07 -2.00
CA ILE B 167 -12.17 4.89 -2.30
C ILE B 167 -12.41 4.97 -3.80
N ALA B 168 -11.82 5.97 -4.46
CA ALA B 168 -12.02 6.14 -5.89
C ALA B 168 -11.45 4.97 -6.68
N ASP B 169 -10.23 4.54 -6.35
CA ASP B 169 -9.62 3.43 -7.07
C ASP B 169 -10.43 2.16 -6.90
N ARG B 170 -10.86 1.86 -5.66
CA ARG B 170 -11.70 0.70 -5.44
C ARG B 170 -13.02 0.83 -6.18
N GLY B 171 -13.55 2.04 -6.28
CA GLY B 171 -14.81 2.22 -6.98
C GLY B 171 -14.71 1.88 -8.46
N THR B 172 -13.66 2.39 -9.12
CA THR B 172 -13.52 2.07 -10.54
C THR B 172 -13.20 0.60 -10.76
N SER B 173 -12.36 0.02 -9.89
CA SER B 173 -12.05 -1.40 -10.02
C SER B 173 -13.30 -2.24 -9.84
N SER B 174 -14.17 -1.85 -8.90
CA SER B 174 -15.43 -2.56 -8.72
C SER B 174 -16.33 -2.41 -9.92
N VAL B 175 -16.42 -1.21 -10.48
CA VAL B 175 -17.30 -1.00 -11.63
C VAL B 175 -16.92 -1.93 -12.77
N THR B 176 -15.62 -2.09 -13.01
CA THR B 176 -15.21 -3.02 -14.06
C THR B 176 -15.42 -4.48 -13.64
N GLY B 177 -14.89 -4.85 -12.47
CA GLY B 177 -14.81 -6.25 -12.10
C GLY B 177 -16.16 -6.87 -11.82
N LEU B 178 -17.08 -6.12 -11.20
CA LEU B 178 -18.39 -6.67 -10.91
C LEU B 178 -19.13 -6.98 -12.19
N LEU B 179 -19.08 -6.07 -13.16
CA LEU B 179 -19.66 -6.35 -14.47
C LEU B 179 -19.06 -7.60 -15.08
N SER B 180 -17.73 -7.68 -15.11
CA SER B 180 -17.08 -8.85 -15.70
C SER B 180 -17.54 -10.13 -15.00
N TYR B 181 -17.40 -10.16 -13.67
CA TYR B 181 -17.70 -11.36 -12.90
C TYR B 181 -19.14 -11.80 -13.12
N LEU B 182 -20.10 -10.91 -12.87
CA LEU B 182 -21.50 -11.29 -13.05
C LEU B 182 -21.75 -11.76 -14.47
N VAL B 183 -21.59 -10.86 -15.45
CA VAL B 183 -22.07 -11.13 -16.80
C VAL B 183 -21.42 -12.37 -17.38
N PHE B 184 -20.13 -12.58 -17.16
CA PHE B 184 -19.45 -13.67 -17.84
C PHE B 184 -19.05 -14.82 -16.94
N ASN B 185 -19.53 -14.88 -15.69
CA ASN B 185 -19.27 -16.07 -14.90
C ASN B 185 -20.40 -16.52 -14.00
N VAL B 186 -21.50 -15.79 -13.88
CA VAL B 186 -22.54 -16.24 -12.96
C VAL B 186 -23.84 -16.44 -13.73
N ILE B 187 -24.03 -15.68 -14.80
CA ILE B 187 -25.18 -15.90 -15.67
C ILE B 187 -24.92 -17.10 -16.57
N PRO B 188 -23.76 -17.22 -17.22
CA PRO B 188 -23.53 -18.42 -18.05
C PRO B 188 -23.61 -19.72 -17.28
N THR B 189 -23.11 -19.75 -16.05
CA THR B 189 -23.14 -21.00 -15.28
C THR B 189 -24.58 -21.41 -14.95
N LEU B 190 -25.40 -20.46 -14.50
CA LEU B 190 -26.79 -20.79 -14.20
C LEU B 190 -27.55 -21.18 -15.45
N ALA B 191 -27.28 -20.50 -16.57
CA ALA B 191 -27.92 -20.88 -17.82
C ALA B 191 -27.52 -22.29 -18.23
N ASP B 192 -26.24 -22.65 -18.05
CA ASP B 192 -25.79 -23.99 -18.36
C ASP B 192 -26.48 -25.01 -17.47
N ILE B 193 -26.62 -24.70 -16.18
CA ILE B 193 -27.30 -25.61 -15.26
C ILE B 193 -28.73 -25.85 -15.72
N ILE B 194 -29.45 -24.77 -16.03
CA ILE B 194 -30.85 -24.90 -16.43
C ILE B 194 -30.97 -25.68 -17.73
N ILE B 195 -30.10 -25.39 -18.70
CA ILE B 195 -30.17 -26.06 -19.99
C ILE B 195 -29.87 -27.55 -19.83
N GLY B 196 -28.88 -27.89 -19.02
CA GLY B 196 -28.59 -29.30 -18.78
C GLY B 196 -29.72 -30.02 -18.08
N ILE B 197 -30.36 -29.36 -17.12
CA ILE B 197 -31.51 -29.96 -16.47
C ILE B 197 -32.61 -30.24 -17.48
N ILE B 198 -32.89 -29.26 -18.35
CA ILE B 198 -33.92 -29.45 -19.37
C ILE B 198 -33.56 -30.61 -20.28
N TYR B 199 -32.30 -30.67 -20.73
CA TYR B 199 -31.90 -31.71 -21.65
C TYR B 199 -32.02 -33.08 -21.02
N PHE B 200 -31.56 -33.24 -19.78
CA PHE B 200 -31.64 -34.53 -19.14
C PHE B 200 -33.08 -34.93 -18.87
N SER B 201 -33.94 -33.97 -18.53
CA SER B 201 -35.33 -34.30 -18.25
C SER B 201 -36.08 -34.67 -19.53
N MET B 202 -35.71 -34.09 -20.66
CA MET B 202 -36.45 -34.32 -21.90
C MET B 202 -35.90 -35.49 -22.71
N PHE B 203 -34.64 -35.44 -23.11
CA PHE B 203 -34.13 -36.37 -24.11
C PHE B 203 -33.49 -37.62 -23.51
N PHE B 204 -33.33 -37.70 -22.19
CA PHE B 204 -32.63 -38.81 -21.57
C PHE B 204 -33.54 -39.68 -20.71
N ASN B 205 -34.18 -39.09 -19.70
CA ASN B 205 -35.06 -39.82 -18.80
C ASN B 205 -35.79 -38.85 -17.86
N ALA B 206 -36.53 -39.38 -16.90
CA ALA B 206 -37.27 -38.54 -15.96
C ALA B 206 -36.66 -38.51 -14.56
N TRP B 207 -35.76 -39.43 -14.24
CA TRP B 207 -35.11 -39.44 -12.93
C TRP B 207 -33.77 -38.74 -12.91
N PHE B 208 -33.05 -38.71 -14.05
CA PHE B 208 -31.77 -38.02 -14.07
C PHE B 208 -31.93 -36.54 -13.83
N GLY B 209 -33.01 -35.95 -14.37
CA GLY B 209 -33.27 -34.55 -14.11
C GLY B 209 -33.46 -34.28 -12.63
N LEU B 210 -34.24 -35.12 -11.95
CA LEU B 210 -34.43 -34.96 -10.51
C LEU B 210 -33.11 -35.11 -9.77
N ILE B 211 -32.29 -36.08 -10.18
CA ILE B 211 -31.00 -36.30 -9.53
C ILE B 211 -30.13 -35.06 -9.65
N VAL B 212 -30.00 -34.54 -10.88
CA VAL B 212 -29.13 -33.38 -11.10
C VAL B 212 -29.67 -32.17 -10.35
N PHE B 213 -30.99 -31.97 -10.37
CA PHE B 213 -31.57 -30.82 -9.70
C PHE B 213 -31.31 -30.87 -8.20
N LEU B 214 -31.51 -32.04 -7.58
CA LEU B 214 -31.26 -32.17 -6.15
C LEU B 214 -29.79 -31.93 -5.83
N CYS B 215 -28.90 -32.51 -6.63
CA CYS B 215 -27.47 -32.34 -6.38
C CYS B 215 -27.07 -30.88 -6.45
N MET B 216 -27.54 -30.18 -7.48
CA MET B 216 -27.14 -28.79 -7.65
C MET B 216 -27.75 -27.89 -6.58
N SER B 217 -29.00 -28.16 -6.19
CA SER B 217 -29.61 -27.37 -5.11
C SER B 217 -28.83 -27.52 -3.82
N LEU B 218 -28.49 -28.75 -3.45
CA LEU B 218 -27.72 -28.95 -2.22
C LEU B 218 -26.37 -28.27 -2.31
N TYR B 219 -25.70 -28.40 -3.46
CA TYR B 219 -24.41 -27.76 -3.65
C TYR B 219 -24.50 -26.25 -3.43
N LEU B 220 -25.48 -25.62 -4.07
CA LEU B 220 -25.59 -24.16 -3.98
C LEU B 220 -25.87 -23.72 -2.55
N THR B 221 -26.84 -24.35 -1.88
CA THR B 221 -27.19 -23.86 -0.55
C THR B 221 -26.04 -24.06 0.43
N LEU B 222 -25.38 -25.22 0.37
CA LEU B 222 -24.26 -25.46 1.29
C LEU B 222 -23.12 -24.49 1.04
N THR B 223 -22.80 -24.24 -0.24
CA THR B 223 -21.71 -23.32 -0.50
C THR B 223 -22.06 -21.91 -0.03
N ILE B 224 -23.34 -21.53 -0.11
CA ILE B 224 -23.74 -20.20 0.34
C ILE B 224 -23.52 -20.06 1.84
N VAL B 225 -24.01 -21.02 2.64
CA VAL B 225 -23.91 -20.87 4.08
C VAL B 225 -22.45 -20.91 4.53
N VAL B 226 -21.82 -21.98 4.11
CA VAL B 226 -20.51 -22.09 4.59
C VAL B 226 -19.92 -20.78 4.26
N THR B 227 -20.24 -20.20 3.14
CA THR B 227 -19.54 -18.98 2.88
C THR B 227 -19.81 -17.92 3.91
N GLU B 228 -21.00 -17.79 4.45
CA GLU B 228 -21.20 -16.71 5.40
C GLU B 228 -20.44 -16.91 6.70
N TRP B 229 -20.45 -18.13 7.21
CA TRP B 229 -19.72 -18.42 8.43
C TRP B 229 -18.23 -18.09 8.21
N ARG B 230 -17.74 -18.38 7.03
CA ARG B 230 -16.35 -18.15 6.81
C ARG B 230 -16.12 -16.65 6.67
N THR B 231 -16.98 -15.91 6.01
CA THR B 231 -16.79 -14.49 5.94
C THR B 231 -16.59 -14.03 7.31
N LYS B 232 -17.42 -14.46 8.24
CA LYS B 232 -17.10 -13.98 9.58
C LYS B 232 -15.70 -14.35 10.03
N PHE B 233 -15.43 -15.63 10.26
CA PHE B 233 -14.09 -15.90 10.82
C PHE B 233 -12.96 -15.28 10.04
N ARG B 234 -13.22 -14.76 8.86
CA ARG B 234 -12.14 -14.24 8.03
C ARG B 234 -11.87 -12.81 8.24
N ARG B 235 -12.84 -11.99 7.98
CA ARG B 235 -12.66 -10.59 8.29
C ARG B 235 -11.86 -10.57 9.55
N ALA B 236 -12.27 -11.35 10.55
CA ALA B 236 -11.45 -11.18 11.78
C ALA B 236 -9.98 -11.44 11.54
N MET B 237 -9.66 -12.18 10.51
CA MET B 237 -8.25 -12.40 10.22
C MET B 237 -7.60 -11.17 9.60
N ASN B 238 -8.32 -10.50 8.70
CA ASN B 238 -7.78 -9.30 8.07
C ASN B 238 -7.56 -8.20 9.09
N THR B 239 -8.49 -8.02 10.03
CA THR B 239 -8.29 -7.03 11.08
C THR B 239 -7.04 -7.35 11.90
N GLN B 240 -6.88 -8.60 12.30
CA GLN B 240 -5.71 -8.96 13.10
C GLN B 240 -4.42 -8.75 12.31
N GLU B 241 -4.43 -9.07 11.01
CA GLU B 241 -3.25 -8.85 10.19
C GLU B 241 -2.88 -7.39 10.11
N ASN B 242 -3.88 -6.52 9.92
CA ASN B 242 -3.60 -5.09 9.87
C ASN B 242 -3.00 -4.61 11.19
N ALA B 243 -3.55 -5.08 12.31
CA ALA B 243 -3.01 -4.67 13.61
C ALA B 243 -1.57 -5.14 13.79
N THR B 244 -1.28 -6.40 13.45
CA THR B 244 0.05 -6.93 13.69
C THR B 244 1.06 -6.32 12.71
N ARG B 245 0.60 -5.85 11.56
CA ARG B 245 1.50 -5.14 10.66
C ARG B 245 1.80 -3.74 11.20
N ALA B 246 0.77 -3.05 11.68
CA ALA B 246 1.00 -1.72 12.26
C ALA B 246 1.90 -1.78 13.48
N ARG B 247 1.85 -2.87 14.25
CA ARG B 247 2.72 -3.00 15.41
C ARG B 247 4.18 -3.08 15.00
N ALA B 248 4.47 -3.77 13.89
CA ALA B 248 5.83 -3.98 13.44
C ALA B 248 6.52 -2.67 13.07
N VAL B 249 5.79 -1.73 12.49
CA VAL B 249 6.38 -0.48 12.03
C VAL B 249 6.95 0.31 13.20
N ASP B 250 6.21 0.39 14.30
CA ASP B 250 6.56 1.25 15.42
C ASP B 250 7.65 0.65 16.30
N SER B 251 8.38 -0.34 15.78
CA SER B 251 9.56 -0.84 16.46
C SER B 251 10.75 -0.70 15.52
N LEU B 252 10.54 0.04 14.43
CA LEU B 252 11.61 0.29 13.47
C LEU B 252 11.61 1.76 13.08
N LEU B 253 10.50 2.46 13.34
CA LEU B 253 10.38 3.88 13.05
C LEU B 253 10.47 4.69 14.34
N ASN B 254 10.55 4.01 15.47
CA ASN B 254 10.57 4.63 16.79
C ASN B 254 11.82 4.15 17.51
N PHE B 255 12.96 4.23 16.82
CA PHE B 255 14.20 3.65 17.29
C PHE B 255 14.73 4.34 18.53
N GLU B 256 13.99 4.23 19.63
CA GLU B 256 14.46 4.67 20.94
C GLU B 256 14.64 3.52 21.90
N THR B 257 14.52 2.27 21.44
CA THR B 257 14.61 1.13 22.33
C THR B 257 15.95 1.08 23.04
N VAL B 258 17.04 1.08 22.27
CA VAL B 258 18.36 1.04 22.87
C VAL B 258 18.66 2.33 23.61
N LYS B 259 18.14 3.44 23.09
CA LYS B 259 18.35 4.76 23.70
C LYS B 259 17.80 4.77 25.12
N TYR B 260 16.71 4.05 25.34
CA TYR B 260 16.17 3.95 26.69
C TYR B 260 16.84 2.85 27.50
N TYR B 261 16.70 1.60 27.07
CA TYR B 261 17.20 0.48 27.85
C TYR B 261 17.47 -0.68 26.91
N ASN B 262 17.84 -1.82 27.48
CA ASN B 262 18.03 -3.04 26.70
C ASN B 262 16.70 -3.79 26.59
N ALA B 263 15.80 -3.20 25.80
CA ALA B 263 14.42 -3.67 25.70
C ALA B 263 14.17 -4.50 24.45
N GLU B 264 15.21 -5.12 23.89
CA GLU B 264 14.99 -5.98 22.73
C GLU B 264 14.09 -7.15 23.07
N SER B 265 14.30 -7.75 24.25
CA SER B 265 13.53 -8.92 24.64
C SER B 265 12.05 -8.62 24.73
N TYR B 266 11.70 -7.46 25.30
CA TYR B 266 10.29 -7.11 25.45
C TYR B 266 9.60 -6.99 24.10
N GLU B 267 10.25 -6.29 23.17
CA GLU B 267 9.67 -6.13 21.84
C GLU B 267 9.57 -7.47 21.11
N VAL B 268 10.58 -8.32 21.26
CA VAL B 268 10.53 -9.63 20.63
C VAL B 268 9.35 -10.43 21.16
N GLU B 269 9.15 -10.41 22.48
CA GLU B 269 8.03 -11.14 23.07
C GLU B 269 6.70 -10.59 22.57
N ARG B 270 6.57 -9.27 22.49
CA ARG B 270 5.31 -8.70 22.01
C ARG B 270 5.04 -9.10 20.57
N TYR B 271 6.08 -9.05 19.72
CA TYR B 271 5.89 -9.49 18.34
C TYR B 271 5.50 -10.96 18.29
N ARG B 272 6.09 -11.78 19.15
CA ARG B 272 5.73 -13.19 19.17
C ARG B 272 4.27 -13.39 19.54
N GLU B 273 3.78 -12.64 20.53
CA GLU B 273 2.37 -12.76 20.91
C GLU B 273 1.44 -12.35 19.78
N ALA B 274 1.76 -11.24 19.11
CA ALA B 274 0.91 -10.81 18.00
C ALA B 274 0.93 -11.85 16.87
N ILE B 275 2.10 -12.41 16.59
CA ILE B 275 2.21 -13.45 15.56
C ILE B 275 1.36 -14.65 15.97
N ILE B 276 1.37 -15.00 17.24
CA ILE B 276 0.62 -16.16 17.71
C ILE B 276 -0.88 -15.95 17.47
N LYS B 277 -1.38 -14.76 17.84
CA LYS B 277 -2.80 -14.49 17.65
C LYS B 277 -3.17 -14.53 16.18
N TYR B 278 -2.34 -13.90 15.34
CA TYR B 278 -2.64 -13.88 13.90
C TYR B 278 -2.63 -15.29 13.33
N GLN B 279 -1.69 -16.12 13.77
CA GLN B 279 -1.62 -17.49 13.27
C GLN B 279 -2.83 -18.31 13.70
N GLY B 280 -3.32 -18.10 14.92
CA GLY B 280 -4.53 -18.79 15.34
C GLY B 280 -5.72 -18.43 14.47
N LEU B 281 -5.91 -17.14 14.22
CA LEU B 281 -7.02 -16.74 13.37
C LEU B 281 -6.87 -17.29 11.95
N GLU B 282 -5.64 -17.28 11.43
CA GLU B 282 -5.40 -17.82 10.09
C GLU B 282 -5.72 -19.31 10.03
N TRP B 283 -5.34 -20.06 11.08
CA TRP B 283 -5.65 -21.49 11.10
C TRP B 283 -7.15 -21.72 11.07
N LYS B 284 -7.90 -20.95 11.84
CA LYS B 284 -9.35 -21.10 11.81
C LYS B 284 -9.90 -20.82 10.41
N SER B 285 -9.41 -19.76 9.76
CA SER B 285 -9.90 -19.44 8.43
C SER B 285 -9.60 -20.55 7.42
N SER B 286 -8.33 -20.96 7.31
CA SER B 286 -7.97 -21.92 6.29
C SER B 286 -8.79 -23.16 6.43
N ALA B 287 -9.25 -23.42 7.61
CA ALA B 287 -9.95 -24.64 7.72
C ALA B 287 -11.36 -24.46 7.29
N SER B 288 -11.84 -23.28 7.35
CA SER B 288 -13.18 -23.20 6.96
C SER B 288 -13.11 -23.50 5.54
N LEU B 289 -12.05 -23.10 4.89
CA LEU B 289 -12.01 -23.30 3.48
C LEU B 289 -11.92 -24.75 3.22
N VAL B 290 -11.08 -25.45 3.94
CA VAL B 290 -11.10 -26.85 3.63
C VAL B 290 -12.48 -27.42 3.81
N LEU B 291 -13.21 -27.06 4.83
CA LEU B 291 -14.57 -27.58 4.92
C LEU B 291 -15.47 -27.19 3.74
N LEU B 292 -15.51 -25.95 3.30
CA LEU B 292 -16.35 -25.66 2.14
C LEU B 292 -15.89 -26.55 1.01
N ASN B 293 -14.60 -26.66 0.76
CA ASN B 293 -14.18 -27.46 -0.38
C ASN B 293 -14.70 -28.87 -0.24
N GLN B 294 -14.57 -29.49 0.90
CA GLN B 294 -15.03 -30.86 0.93
C GLN B 294 -16.53 -30.98 0.91
N THR B 295 -17.28 -30.08 1.48
CA THR B 295 -18.70 -30.30 1.42
C THR B 295 -18.99 -30.29 -0.01
N GLN B 296 -18.38 -29.40 -0.74
CA GLN B 296 -18.73 -29.50 -2.12
C GLN B 296 -18.31 -30.86 -2.70
N ASN B 297 -17.03 -31.21 -2.68
CA ASN B 297 -16.59 -32.45 -3.32
C ASN B 297 -17.38 -33.61 -2.88
N LEU B 298 -18.17 -33.49 -1.84
CA LEU B 298 -19.03 -34.60 -1.50
C LEU B 298 -20.25 -34.46 -2.31
N VAL B 299 -20.97 -33.40 -2.11
CA VAL B 299 -22.21 -33.37 -2.82
C VAL B 299 -22.04 -33.79 -4.25
N ILE B 300 -21.07 -33.27 -4.99
CA ILE B 300 -21.04 -33.67 -6.40
C ILE B 300 -20.89 -35.15 -6.49
N GLY B 301 -20.23 -35.71 -5.52
CA GLY B 301 -20.05 -37.14 -5.52
C GLY B 301 -21.25 -38.00 -5.20
N LEU B 302 -22.00 -37.67 -4.17
CA LEU B 302 -23.18 -38.43 -3.91
C LEU B 302 -23.82 -38.35 -5.24
N GLY B 303 -23.75 -37.21 -5.86
CA GLY B 303 -24.29 -37.18 -7.18
C GLY B 303 -23.82 -38.29 -8.08
N LEU B 304 -22.65 -38.13 -8.64
CA LEU B 304 -22.18 -39.12 -9.58
C LEU B 304 -22.68 -40.46 -9.15
N LEU B 305 -22.51 -40.84 -7.91
CA LEU B 305 -22.91 -42.19 -7.58
C LEU B 305 -24.29 -42.38 -7.99
N ALA B 306 -25.15 -41.58 -7.44
CA ALA B 306 -26.53 -41.91 -7.76
C ALA B 306 -26.74 -41.99 -9.28
N GLY B 307 -26.26 -40.98 -9.99
CA GLY B 307 -26.46 -40.96 -11.43
C GLY B 307 -25.80 -42.14 -12.13
N SER B 308 -24.54 -42.42 -11.77
CA SER B 308 -23.82 -43.51 -12.42
C SER B 308 -24.46 -44.85 -12.13
N LEU B 309 -24.86 -45.09 -10.88
CA LEU B 309 -25.48 -46.37 -10.55
C LEU B 309 -26.78 -46.55 -11.32
N LEU B 310 -27.64 -45.53 -11.31
CA LEU B 310 -28.91 -45.65 -12.02
C LEU B 310 -28.70 -45.85 -13.50
N CYS B 311 -27.74 -45.12 -14.09
CA CYS B 311 -27.48 -45.26 -15.53
C CYS B 311 -26.97 -46.65 -15.86
N ALA B 312 -26.06 -47.19 -15.05
CA ALA B 312 -25.56 -48.53 -15.31
C ALA B 312 -26.67 -49.57 -15.21
N TYR B 313 -27.52 -49.44 -14.19
CA TYR B 313 -28.62 -50.39 -14.05
C TYR B 313 -29.57 -50.30 -15.24
N PHE B 314 -29.86 -49.08 -15.70
CA PHE B 314 -30.74 -48.95 -16.87
C PHE B 314 -30.08 -49.50 -18.12
N VAL B 315 -28.74 -49.40 -18.22
CA VAL B 315 -28.05 -49.89 -19.39
C VAL B 315 -28.06 -51.41 -19.44
N THR B 316 -27.89 -52.06 -18.29
CA THR B 316 -27.77 -53.51 -18.30
C THR B 316 -29.03 -54.23 -18.75
N GLU B 317 -30.17 -53.54 -18.81
CA GLU B 317 -31.43 -54.14 -19.24
C GLU B 317 -31.88 -53.63 -20.61
N GLN B 318 -30.93 -53.26 -21.46
CA GLN B 318 -31.18 -52.87 -22.85
C GLN B 318 -32.10 -51.66 -22.97
N LYS B 319 -32.31 -50.91 -21.89
CA LYS B 319 -33.10 -49.69 -21.97
C LYS B 319 -32.33 -48.51 -22.54
N LEU B 320 -31.00 -48.52 -22.44
CA LEU B 320 -30.17 -47.43 -22.94
C LEU B 320 -29.00 -48.00 -23.74
N GLN B 321 -28.08 -47.14 -24.16
CA GLN B 321 -26.93 -47.54 -24.94
C GLN B 321 -25.67 -47.38 -24.11
N VAL B 322 -24.56 -47.91 -24.64
CA VAL B 322 -23.29 -47.83 -23.92
C VAL B 322 -22.86 -46.37 -23.77
N GLY B 323 -22.98 -45.58 -24.83
CA GLY B 323 -22.48 -44.22 -24.81
C GLY B 323 -23.19 -43.31 -23.83
N ASP B 324 -24.39 -43.67 -23.38
CA ASP B 324 -25.09 -42.82 -22.44
C ASP B 324 -24.33 -42.70 -21.13
N TYR B 325 -23.64 -43.77 -20.72
CA TYR B 325 -22.87 -43.73 -19.48
C TYR B 325 -21.76 -42.68 -19.57
N VAL B 326 -20.94 -42.73 -20.61
CA VAL B 326 -19.86 -41.77 -20.75
C VAL B 326 -20.41 -40.38 -20.96
N LEU B 327 -21.53 -40.25 -21.67
CA LEU B 327 -22.16 -38.94 -21.82
C LEU B 327 -22.52 -38.34 -20.47
N PHE B 328 -23.17 -39.12 -19.61
CA PHE B 328 -23.56 -38.61 -18.31
C PHE B 328 -22.35 -38.24 -17.47
N GLY B 329 -21.33 -39.11 -17.45
CA GLY B 329 -20.15 -38.81 -16.66
C GLY B 329 -19.48 -37.52 -17.12
N THR B 330 -19.27 -37.38 -18.43
CA THR B 330 -18.62 -36.19 -18.95
C THR B 330 -19.46 -34.96 -18.69
N TYR B 331 -20.79 -35.06 -18.85
CA TYR B 331 -21.63 -33.90 -18.64
C TYR B 331 -21.61 -33.44 -17.19
N ILE B 332 -21.68 -34.38 -16.23
CA ILE B 332 -21.63 -34.00 -14.83
C ILE B 332 -20.30 -33.34 -14.51
N ILE B 333 -19.19 -33.93 -14.96
CA ILE B 333 -17.89 -33.36 -14.67
C ILE B 333 -17.76 -31.96 -15.25
N GLN B 334 -18.16 -31.81 -16.52
CA GLN B 334 -17.99 -30.54 -17.21
C GLN B 334 -18.88 -29.46 -16.65
N LEU B 335 -20.08 -29.82 -16.20
CA LEU B 335 -20.98 -28.83 -15.62
C LEU B 335 -20.57 -28.48 -14.19
N TYR B 336 -19.93 -29.40 -13.48
CA TYR B 336 -19.44 -29.08 -12.15
C TYR B 336 -18.17 -28.24 -12.22
N MET B 337 -17.42 -28.33 -13.32
CA MET B 337 -16.14 -27.66 -13.41
C MET B 337 -16.21 -26.16 -13.14
N PRO B 338 -17.10 -25.37 -13.75
CA PRO B 338 -17.09 -23.93 -13.47
C PRO B 338 -17.78 -23.55 -12.17
N LEU B 339 -18.34 -24.51 -11.45
CA LEU B 339 -18.97 -24.24 -10.16
C LEU B 339 -17.98 -24.25 -9.01
N ASN B 340 -16.71 -24.54 -9.26
CA ASN B 340 -15.72 -24.64 -8.20
C ASN B 340 -15.42 -23.31 -7.54
N TRP B 341 -15.72 -22.20 -8.20
CA TRP B 341 -15.35 -20.88 -7.70
C TRP B 341 -16.56 -20.07 -7.27
N PHE B 342 -17.71 -20.73 -7.13
CA PHE B 342 -18.88 -19.96 -6.85
C PHE B 342 -18.62 -19.36 -5.53
N GLY B 343 -17.74 -19.93 -4.77
CA GLY B 343 -17.58 -19.33 -3.49
C GLY B 343 -16.92 -17.99 -3.58
N THR B 344 -15.83 -17.98 -4.27
CA THR B 344 -15.13 -16.76 -4.33
C THR B 344 -16.05 -15.82 -4.99
N TYR B 345 -16.84 -16.27 -5.92
CA TYR B 345 -17.62 -15.31 -6.62
C TYR B 345 -18.67 -14.73 -5.74
N TYR B 346 -19.36 -15.47 -4.91
CA TYR B 346 -20.30 -14.85 -4.02
C TYR B 346 -19.54 -13.85 -3.25
N ARG B 347 -18.49 -14.27 -2.59
CA ARG B 347 -17.84 -13.27 -1.74
C ARG B 347 -17.63 -12.00 -2.48
N MET B 348 -17.06 -12.06 -3.66
CA MET B 348 -16.75 -10.80 -4.29
C MET B 348 -17.97 -10.06 -4.80
N ILE B 349 -18.82 -10.68 -5.56
CA ILE B 349 -19.95 -9.98 -6.07
C ILE B 349 -20.49 -9.23 -4.91
N GLN B 350 -20.35 -9.75 -3.70
CA GLN B 350 -20.80 -8.91 -2.58
C GLN B 350 -19.86 -7.73 -2.42
N THR B 351 -18.69 -7.93 -1.87
CA THR B 351 -17.86 -6.76 -1.67
C THR B 351 -18.07 -5.71 -2.74
N ASN B 352 -17.68 -6.00 -3.96
CA ASN B 352 -17.73 -4.99 -5.00
C ASN B 352 -19.04 -4.21 -4.97
N PHE B 353 -20.14 -4.84 -4.55
CA PHE B 353 -21.38 -4.08 -4.40
C PHE B 353 -21.25 -3.04 -3.30
N ILE B 354 -20.63 -3.40 -2.18
CA ILE B 354 -20.41 -2.42 -1.11
C ILE B 354 -19.52 -1.28 -1.61
N ASP B 355 -18.47 -1.62 -2.36
CA ASP B 355 -17.57 -0.59 -2.88
C ASP B 355 -18.29 0.33 -3.86
N MET B 356 -19.15 -0.25 -4.71
CA MET B 356 -19.95 0.57 -5.62
C MET B 356 -20.86 1.51 -4.85
N GLU B 357 -21.48 1.02 -3.77
CA GLU B 357 -22.29 1.89 -2.94
C GLU B 357 -21.47 3.07 -2.41
N ASN B 358 -20.25 2.78 -1.91
CA ASN B 358 -19.42 3.84 -1.37
C ASN B 358 -19.07 4.87 -2.43
N MET B 359 -18.66 4.41 -3.61
CA MET B 359 -18.24 5.35 -4.66
C MET B 359 -19.42 6.18 -5.17
N PHE B 360 -20.58 5.55 -5.34
CA PHE B 360 -21.74 6.29 -5.80
C PHE B 360 -22.20 7.30 -4.75
N ASP B 361 -22.08 6.96 -3.47
CA ASP B 361 -22.39 7.93 -2.42
C ASP B 361 -21.43 9.10 -2.48
N LEU B 362 -20.14 8.83 -2.73
CA LEU B 362 -19.18 9.92 -2.89
C LEU B 362 -19.56 10.83 -4.05
N LEU B 363 -19.86 10.27 -5.21
CA LEU B 363 -20.11 11.10 -6.39
C LEU B 363 -21.43 11.86 -6.25
N LYS B 364 -22.45 11.21 -5.70
CA LYS B 364 -23.79 11.79 -5.66
C LYS B 364 -23.88 13.00 -4.73
N GLU B 365 -22.89 13.21 -3.87
CA GLU B 365 -22.93 14.31 -2.92
C GLU B 365 -23.05 15.65 -3.66
N GLU B 366 -23.96 16.50 -3.21
CA GLU B 366 -24.18 17.79 -3.82
C GLU B 366 -23.91 18.95 -2.85
N THR B 367 -23.18 18.68 -1.77
CA THR B 367 -22.86 19.71 -0.78
C THR B 367 -21.53 20.36 -1.16
N GLU B 368 -21.60 21.26 -2.13
CA GLU B 368 -20.45 21.99 -2.66
C GLU B 368 -20.77 23.47 -2.76
N VAL B 369 -21.18 24.07 -1.65
CA VAL B 369 -21.81 25.39 -1.71
C VAL B 369 -20.77 26.49 -1.83
N LYS B 370 -20.28 26.69 -3.06
CA LYS B 370 -19.47 27.83 -3.44
C LYS B 370 -19.77 28.24 -4.88
N ASP B 371 -20.98 27.96 -5.36
CA ASP B 371 -21.29 27.97 -6.78
C ASP B 371 -21.50 29.40 -7.28
N LEU B 372 -22.04 29.51 -8.48
CA LEU B 372 -22.20 30.77 -9.20
C LEU B 372 -23.67 31.02 -9.51
N PRO B 373 -24.06 32.28 -9.75
CA PRO B 373 -25.44 32.57 -10.14
C PRO B 373 -25.76 32.13 -11.56
N GLY B 374 -26.95 32.48 -12.05
CA GLY B 374 -27.35 32.05 -13.37
C GLY B 374 -26.39 32.47 -14.46
N ALA B 375 -25.94 33.72 -14.43
CA ALA B 375 -25.02 34.24 -15.43
C ALA B 375 -24.37 35.52 -14.90
N GLY B 376 -23.64 36.20 -15.78
CA GLY B 376 -23.02 37.47 -15.45
C GLY B 376 -21.51 37.41 -15.41
N PRO B 377 -20.86 37.87 -16.48
CA PRO B 377 -19.39 37.98 -16.48
C PRO B 377 -18.92 39.12 -15.58
N LEU B 378 -17.62 39.35 -15.55
CA LEU B 378 -17.02 40.40 -14.72
C LEU B 378 -16.40 41.47 -15.61
N ARG B 379 -16.68 42.73 -15.29
CA ARG B 379 -16.10 43.88 -15.99
C ARG B 379 -15.01 44.46 -15.09
N PHE B 380 -13.75 44.18 -15.43
CA PHE B 380 -12.62 44.69 -14.66
C PHE B 380 -12.20 46.03 -15.26
N GLN B 381 -12.99 47.07 -14.95
CA GLN B 381 -12.70 48.41 -15.45
C GLN B 381 -11.41 48.97 -14.87
N LYS B 382 -11.37 49.16 -13.54
CA LYS B 382 -10.20 49.76 -12.91
C LYS B 382 -9.66 48.99 -11.71
N GLY B 383 -10.50 48.28 -10.94
CA GLY B 383 -10.02 47.53 -9.81
C GLY B 383 -10.40 48.09 -8.45
N ARG B 384 -11.59 48.68 -8.37
CA ARG B 384 -12.08 49.21 -7.11
C ARG B 384 -12.47 48.08 -6.16
N ILE B 385 -12.08 48.21 -4.89
CA ILE B 385 -12.45 47.25 -3.85
C ILE B 385 -13.12 47.99 -2.71
N GLU B 386 -14.28 47.51 -2.28
CA GLU B 386 -15.02 48.13 -1.19
C GLU B 386 -15.54 47.06 -0.24
N PHE B 387 -15.74 47.47 1.02
CA PHE B 387 -16.25 46.61 2.07
C PHE B 387 -17.40 47.31 2.78
N GLU B 388 -18.38 46.51 3.22
CA GLU B 388 -19.57 47.05 3.91
C GLU B 388 -19.97 46.09 5.01
N ASN B 389 -19.44 46.33 6.22
CA ASN B 389 -19.83 45.66 7.47
C ASN B 389 -20.08 44.17 7.27
N VAL B 390 -19.04 43.46 6.84
CA VAL B 390 -19.15 42.03 6.58
C VAL B 390 -18.81 41.25 7.84
N HIS B 391 -19.61 40.21 8.11
CA HIS B 391 -19.38 39.29 9.22
C HIS B 391 -19.20 37.90 8.65
N PHE B 392 -18.19 37.19 9.15
CA PHE B 392 -17.91 35.83 8.67
C PHE B 392 -17.10 35.09 9.72
N SER B 393 -17.40 33.82 9.89
CA SER B 393 -16.65 32.93 10.77
C SER B 393 -16.47 31.60 10.05
N TYR B 394 -15.22 31.23 9.79
CA TYR B 394 -14.96 30.00 9.03
C TYR B 394 -15.35 28.75 9.82
N ALA B 395 -15.13 28.75 11.13
CA ALA B 395 -15.57 27.65 11.98
C ALA B 395 -16.98 27.94 12.50
N ASP B 396 -17.44 27.15 13.45
CA ASP B 396 -18.74 27.34 14.08
C ASP B 396 -18.58 27.61 15.57
N GLY B 397 -19.69 27.96 16.21
CA GLY B 397 -19.70 28.27 17.62
C GLY B 397 -19.45 29.73 17.92
N ARG B 398 -18.23 30.19 17.66
CA ARG B 398 -17.86 31.58 17.85
C ARG B 398 -17.62 32.26 16.51
N GLU B 399 -17.39 33.57 16.55
CA GLU B 399 -17.18 34.37 15.34
C GLU B 399 -15.81 35.02 15.40
N THR B 400 -15.12 35.05 14.25
CA THR B 400 -13.78 35.63 14.16
C THR B 400 -13.79 37.00 13.48
N LEU B 401 -14.49 37.13 12.36
CA LEU B 401 -14.50 38.36 11.59
C LEU B 401 -15.91 38.97 11.64
N GLN B 402 -15.96 40.27 11.93
CA GLN B 402 -17.25 40.95 12.08
C GLN B 402 -17.09 42.42 11.70
N ASP B 403 -18.13 42.94 11.03
CA ASP B 403 -18.24 44.33 10.55
C ASP B 403 -16.89 44.93 10.17
N VAL B 404 -16.21 44.27 9.23
CA VAL B 404 -14.97 44.77 8.66
C VAL B 404 -15.30 45.63 7.46
N SER B 405 -14.77 46.86 7.43
CA SER B 405 -15.08 47.78 6.35
C SER B 405 -13.85 48.64 6.05
N PHE B 406 -13.40 48.61 4.80
CA PHE B 406 -12.32 49.47 4.34
C PHE B 406 -12.38 49.54 2.82
N THR B 407 -11.88 50.65 2.28
CA THR B 407 -11.89 50.89 0.85
C THR B 407 -10.49 51.29 0.40
N VAL B 408 -10.00 50.68 -0.67
CA VAL B 408 -8.64 50.86 -1.14
C VAL B 408 -8.68 51.52 -2.51
N MET B 409 -7.95 52.63 -2.66
CA MET B 409 -7.79 53.25 -3.97
C MET B 409 -6.93 52.35 -4.86
N PRO B 410 -7.16 52.37 -6.17
CA PRO B 410 -6.38 51.49 -7.06
C PRO B 410 -4.95 51.97 -7.20
N GLY B 411 -4.03 51.01 -7.22
CA GLY B 411 -2.61 51.31 -7.28
C GLY B 411 -1.94 51.53 -5.95
N GLN B 412 -2.69 51.47 -4.84
CA GLN B 412 -2.12 51.70 -3.52
C GLN B 412 -1.82 50.36 -2.85
N THR B 413 -0.63 50.24 -2.28
CA THR B 413 -0.18 48.99 -1.66
C THR B 413 -0.61 48.97 -0.20
N LEU B 414 -1.87 48.64 0.02
CA LEU B 414 -2.39 48.49 1.37
C LEU B 414 -1.80 47.27 2.05
N ALA B 415 -1.57 47.38 3.36
CA ALA B 415 -0.93 46.33 4.13
C ALA B 415 -1.77 45.98 5.34
N LEU B 416 -1.64 44.73 5.80
CA LEU B 416 -2.31 44.24 7.01
C LEU B 416 -1.27 43.71 7.98
N VAL B 417 -1.41 44.10 9.25
CA VAL B 417 -0.52 43.64 10.31
C VAL B 417 -1.36 43.25 11.52
N GLY B 418 -0.78 42.40 12.37
CA GLY B 418 -1.44 41.98 13.57
C GLY B 418 -0.68 40.91 14.34
N PRO B 419 -1.29 40.38 15.40
CA PRO B 419 -0.63 39.31 16.16
C PRO B 419 -0.66 37.98 15.44
N SER B 420 -0.19 36.92 16.09
CA SER B 420 -0.18 35.58 15.50
C SER B 420 -1.60 35.03 15.50
N GLY B 421 -2.36 35.42 14.48
CA GLY B 421 -3.73 34.99 14.36
C GLY B 421 -4.07 34.57 12.94
N ALA B 422 -5.21 33.91 12.81
CA ALA B 422 -5.67 33.39 11.52
C ALA B 422 -6.60 34.34 10.80
N GLY B 423 -6.83 35.55 11.33
CA GLY B 423 -7.71 36.48 10.66
C GLY B 423 -7.17 36.94 9.31
N LYS B 424 -5.85 37.14 9.23
CA LYS B 424 -5.24 37.59 7.99
C LYS B 424 -5.47 36.58 6.86
N SER B 425 -5.25 35.30 7.14
CA SER B 425 -5.52 34.28 6.14
C SER B 425 -7.01 34.26 5.78
N THR B 426 -7.87 34.45 6.77
CA THR B 426 -9.30 34.45 6.49
C THR B 426 -9.67 35.54 5.51
N ILE B 427 -9.27 36.79 5.78
CA ILE B 427 -9.62 37.88 4.89
C ILE B 427 -8.97 37.68 3.52
N LEU B 428 -7.77 37.07 3.51
CA LEU B 428 -7.16 36.68 2.24
C LEU B 428 -8.10 35.78 1.44
N ARG B 429 -8.67 34.77 2.08
CA ARG B 429 -9.56 33.85 1.37
C ARG B 429 -10.84 34.54 0.91
N LEU B 430 -11.46 35.37 1.76
CA LEU B 430 -12.66 36.07 1.29
C LEU B 430 -12.36 37.02 0.15
N LEU B 431 -11.12 37.52 0.03
CA LEU B 431 -10.76 38.24 -1.19
C LEU B 431 -10.75 37.34 -2.42
N PHE B 432 -10.68 36.03 -2.23
CA PHE B 432 -10.47 35.11 -3.33
C PHE B 432 -11.69 34.22 -3.59
N ARG B 433 -12.84 34.56 -3.02
CA ARG B 433 -14.09 33.81 -3.23
C ARG B 433 -13.90 32.32 -2.91
N PHE B 434 -13.22 32.06 -1.79
CA PHE B 434 -12.94 30.70 -1.36
C PHE B 434 -14.01 30.15 -0.43
N TYR B 435 -14.89 31.00 0.08
CA TYR B 435 -16.04 30.58 0.89
C TYR B 435 -17.24 31.41 0.44
N ASP B 436 -18.35 31.26 1.16
CA ASP B 436 -19.55 32.04 0.91
C ASP B 436 -19.79 32.87 2.17
N ILE B 437 -19.93 34.18 2.00
CA ILE B 437 -20.07 35.07 3.15
C ILE B 437 -21.41 34.84 3.83
N SER B 438 -21.36 34.64 5.15
CA SER B 438 -22.59 34.42 5.91
C SER B 438 -23.49 35.65 5.87
N SER B 439 -22.90 36.83 6.05
CA SER B 439 -23.68 38.07 6.09
C SER B 439 -22.76 39.23 5.74
N GLY B 440 -23.24 40.10 4.85
CA GLY B 440 -22.50 41.24 4.37
C GLY B 440 -22.54 41.30 2.87
N CYS B 441 -21.57 42.00 2.28
CA CYS B 441 -21.45 42.07 0.83
C CYS B 441 -20.03 42.50 0.46
N ILE B 442 -19.46 41.84 -0.54
CA ILE B 442 -18.17 42.22 -1.10
C ILE B 442 -18.38 42.61 -2.55
N ARG B 443 -18.05 43.86 -2.89
CA ARG B 443 -18.22 44.37 -4.24
C ARG B 443 -16.87 44.77 -4.81
N ILE B 444 -16.71 44.56 -6.11
CA ILE B 444 -15.50 44.95 -6.82
C ILE B 444 -15.89 45.81 -8.01
N ASP B 445 -15.24 46.98 -8.13
CA ASP B 445 -15.52 47.93 -9.21
C ASP B 445 -17.02 48.23 -9.29
N GLY B 446 -17.66 48.36 -8.12
CA GLY B 446 -19.09 48.57 -8.10
C GLY B 446 -19.90 47.35 -8.52
N GLN B 447 -19.31 46.17 -8.45
CA GLN B 447 -20.00 44.94 -8.81
C GLN B 447 -19.70 43.89 -7.75
N ASP B 448 -20.76 43.27 -7.22
CA ASP B 448 -20.59 42.27 -6.18
C ASP B 448 -19.85 41.05 -6.70
N ILE B 449 -18.93 40.52 -5.89
CA ILE B 449 -18.20 39.31 -6.26
C ILE B 449 -19.04 38.05 -6.09
N SER B 450 -20.19 38.15 -5.43
CA SER B 450 -21.08 37.01 -5.29
C SER B 450 -22.05 36.85 -6.46
N GLN B 451 -22.00 37.75 -7.43
CA GLN B 451 -22.93 37.72 -8.55
C GLN B 451 -22.18 37.52 -9.87
N VAL B 452 -21.00 36.92 -9.80
CA VAL B 452 -20.17 36.68 -10.97
C VAL B 452 -19.59 35.28 -10.90
N THR B 453 -19.15 34.80 -12.06
CA THR B 453 -18.52 33.49 -12.12
C THR B 453 -17.13 33.53 -11.49
N GLN B 454 -16.68 32.37 -11.04
CA GLN B 454 -15.38 32.28 -10.39
C GLN B 454 -14.23 32.45 -11.37
N ALA B 455 -14.45 32.14 -12.65
CA ALA B 455 -13.35 32.09 -13.62
C ALA B 455 -12.67 33.44 -13.75
N SER B 456 -13.41 34.47 -14.17
CA SER B 456 -12.81 35.78 -14.40
C SER B 456 -12.24 36.37 -13.11
N LEU B 457 -12.99 36.25 -12.02
CA LEU B 457 -12.55 36.85 -10.76
C LEU B 457 -11.25 36.22 -10.28
N ARG B 458 -11.12 34.90 -10.40
CA ARG B 458 -9.88 34.26 -10.00
C ARG B 458 -8.75 34.50 -10.99
N SER B 459 -9.08 34.72 -12.27
CA SER B 459 -8.02 34.97 -13.24
C SER B 459 -7.39 36.34 -13.04
N HIS B 460 -8.20 37.35 -12.69
CA HIS B 460 -7.68 38.70 -12.56
C HIS B 460 -6.79 38.89 -11.34
N ILE B 461 -6.74 37.93 -10.42
CA ILE B 461 -5.99 38.07 -9.17
C ILE B 461 -4.93 36.99 -9.11
N GLY B 462 -3.71 37.39 -8.76
CA GLY B 462 -2.61 36.47 -8.52
C GLY B 462 -2.27 36.46 -7.04
N VAL B 463 -2.03 35.27 -6.50
CA VAL B 463 -1.81 35.09 -5.07
C VAL B 463 -0.49 34.34 -4.88
N VAL B 464 0.37 34.88 -4.03
CA VAL B 464 1.63 34.25 -3.66
C VAL B 464 1.51 33.75 -2.23
N PRO B 465 1.51 32.44 -1.99
CA PRO B 465 1.38 31.95 -0.61
C PRO B 465 2.69 31.97 0.14
N GLN B 466 2.67 31.61 1.42
CA GLN B 466 3.89 31.60 2.21
C GLN B 466 4.85 30.51 1.75
N ASP B 467 4.36 29.28 1.62
CA ASP B 467 5.16 28.14 1.19
C ASP B 467 4.68 27.73 -0.19
N THR B 468 5.30 28.30 -1.22
CA THR B 468 4.95 27.99 -2.60
C THR B 468 5.59 26.66 -2.96
N VAL B 469 4.82 25.58 -2.86
CA VAL B 469 5.31 24.24 -3.16
C VAL B 469 4.93 23.89 -4.60
N LEU B 470 5.82 23.17 -5.28
CA LEU B 470 5.65 22.81 -6.67
C LEU B 470 5.58 21.29 -6.81
N PHE B 471 4.90 20.85 -7.87
CA PHE B 471 4.79 19.43 -8.19
C PHE B 471 5.85 19.02 -9.22
N ASN B 472 5.87 17.73 -9.51
CA ASN B 472 6.98 17.10 -10.25
C ASN B 472 6.83 17.35 -11.74
N ASP B 473 7.63 18.27 -12.27
CA ASP B 473 7.68 18.53 -13.71
C ASP B 473 8.87 19.45 -13.97
N THR B 474 9.09 19.77 -15.25
CA THR B 474 10.16 20.68 -15.63
C THR B 474 9.74 22.14 -15.40
N ILE B 475 10.74 23.03 -15.39
CA ILE B 475 10.46 24.44 -15.18
C ILE B 475 9.69 25.03 -16.36
N ALA B 476 9.84 24.48 -17.56
CA ALA B 476 9.16 25.03 -18.72
C ALA B 476 7.65 24.99 -18.55
N ASP B 477 7.11 23.81 -18.22
CA ASP B 477 5.67 23.72 -17.98
C ASP B 477 5.29 24.43 -16.68
N ASN B 478 6.20 24.50 -15.71
CA ASN B 478 5.92 25.26 -14.50
C ASN B 478 5.64 26.73 -14.83
N ILE B 479 6.46 27.33 -15.69
CA ILE B 479 6.24 28.72 -16.08
C ILE B 479 5.01 28.84 -16.97
N ARG B 480 4.86 27.92 -17.93
CA ARG B 480 3.70 27.97 -18.82
C ARG B 480 2.39 27.68 -18.09
N TYR B 481 2.47 27.22 -16.85
CA TYR B 481 1.27 26.98 -16.06
C TYR B 481 0.43 28.24 -15.88
N GLY B 482 1.04 29.41 -16.06
CA GLY B 482 0.29 30.66 -16.03
C GLY B 482 -0.80 30.73 -17.07
N ARG B 483 -0.44 30.51 -18.33
CA ARG B 483 -1.39 30.50 -19.44
C ARG B 483 -1.05 29.34 -20.36
N VAL B 484 -2.03 28.48 -20.62
CA VAL B 484 -1.79 27.31 -21.46
C VAL B 484 -1.54 27.73 -22.90
N THR B 485 -2.28 28.71 -23.40
CA THR B 485 -2.14 29.13 -24.79
C THR B 485 -0.92 30.01 -25.01
N ALA B 486 -0.29 30.50 -23.94
CA ALA B 486 0.88 31.34 -24.09
C ALA B 486 2.08 30.51 -24.52
N GLY B 487 2.78 30.98 -25.55
CA GLY B 487 3.93 30.28 -26.07
C GLY B 487 5.18 30.60 -25.27
N ASN B 488 6.32 30.19 -25.85
CA ASN B 488 7.61 30.44 -25.22
C ASN B 488 8.01 31.90 -25.27
N ASP B 489 7.32 32.71 -26.10
CA ASP B 489 7.61 34.14 -26.15
C ASP B 489 7.36 34.81 -24.81
N GLU B 490 6.25 34.47 -24.16
CA GLU B 490 6.00 35.00 -22.83
C GLU B 490 7.02 34.49 -21.82
N VAL B 491 7.52 33.27 -22.01
CA VAL B 491 8.55 32.75 -21.11
C VAL B 491 9.83 33.56 -21.23
N GLU B 492 10.23 33.88 -22.46
CA GLU B 492 11.40 34.72 -22.65
C GLU B 492 11.17 36.11 -22.08
N ALA B 493 9.97 36.66 -22.27
CA ALA B 493 9.64 37.97 -21.72
C ALA B 493 9.75 37.97 -20.20
N ALA B 494 9.24 36.91 -19.55
CA ALA B 494 9.34 36.81 -18.10
C ALA B 494 10.77 36.65 -17.64
N ALA B 495 11.57 35.87 -18.39
CA ALA B 495 12.98 35.72 -18.04
C ALA B 495 13.70 37.08 -18.09
N GLN B 496 13.40 37.88 -19.11
CA GLN B 496 14.00 39.21 -19.19
C GLN B 496 13.49 40.12 -18.07
N ALA B 497 12.18 40.08 -17.78
CA ALA B 497 11.58 41.05 -16.87
C ALA B 497 11.93 40.75 -15.41
N ALA B 498 11.86 39.50 -15.00
CA ALA B 498 12.03 39.13 -13.60
C ALA B 498 13.49 38.96 -13.19
N GLY B 499 14.43 39.13 -14.11
CA GLY B 499 15.82 38.91 -13.80
C GLY B 499 16.16 37.48 -13.44
N ILE B 500 15.54 36.51 -14.13
CA ILE B 500 15.80 35.10 -13.92
C ILE B 500 16.57 34.48 -15.08
N HIS B 501 16.82 35.25 -16.15
CA HIS B 501 17.54 34.73 -17.32
C HIS B 501 18.92 34.20 -16.96
N ASP B 502 19.72 35.01 -16.26
CA ASP B 502 21.07 34.59 -15.92
C ASP B 502 21.05 33.38 -14.98
N ALA B 503 20.16 33.40 -13.98
CA ALA B 503 20.08 32.29 -13.05
C ALA B 503 19.64 31.01 -13.75
N ILE B 504 18.67 31.11 -14.67
CA ILE B 504 18.18 29.93 -15.36
C ILE B 504 19.25 29.37 -16.29
N MET B 505 19.85 30.23 -17.12
CA MET B 505 20.87 29.75 -18.04
C MET B 505 22.17 29.39 -17.34
N ALA B 506 22.31 29.73 -16.05
CA ALA B 506 23.44 29.24 -15.28
C ALA B 506 23.36 27.73 -15.09
N PHE B 507 22.15 27.18 -15.03
CA PHE B 507 22.00 25.74 -14.89
C PHE B 507 22.39 25.06 -16.21
N PRO B 508 23.34 24.13 -16.18
CA PRO B 508 23.77 23.50 -17.44
C PRO B 508 22.76 22.56 -18.04
N GLU B 509 21.74 22.15 -17.29
CA GLU B 509 20.77 21.16 -17.77
C GLU B 509 19.66 21.76 -18.61
N GLY B 510 19.58 23.09 -18.71
CA GLY B 510 18.58 23.71 -19.55
C GLY B 510 17.17 23.56 -19.00
N TYR B 511 16.20 23.71 -19.90
CA TYR B 511 14.79 23.65 -19.50
C TYR B 511 14.35 22.25 -19.13
N ARG B 512 15.06 21.22 -19.60
CA ARG B 512 14.69 19.84 -19.33
C ARG B 512 15.28 19.32 -18.01
N THR B 513 15.59 20.21 -17.08
CA THR B 513 16.07 19.79 -15.78
C THR B 513 14.96 19.09 -14.99
N GLN B 514 15.34 18.06 -14.24
CA GLN B 514 14.38 17.38 -13.37
C GLN B 514 14.19 18.20 -12.12
N VAL B 515 12.97 18.72 -11.93
CA VAL B 515 12.68 19.65 -10.85
C VAL B 515 11.51 19.12 -10.02
N GLY B 516 11.61 19.30 -8.72
CA GLY B 516 10.62 18.81 -7.78
C GLY B 516 11.26 17.91 -6.75
N GLU B 517 10.42 17.19 -6.01
CA GLU B 517 10.93 16.24 -5.04
C GLU B 517 11.65 15.08 -5.74
N ARG B 518 11.25 14.75 -6.97
CA ARG B 518 11.96 13.75 -7.73
C ARG B 518 13.33 14.26 -8.18
N GLY B 519 13.42 15.54 -8.54
CA GLY B 519 14.66 16.13 -8.99
C GLY B 519 15.46 16.72 -7.85
N LEU B 520 16.24 17.76 -8.19
CA LEU B 520 17.05 18.43 -7.20
C LEU B 520 16.19 19.32 -6.29
N LYS B 521 16.71 19.62 -5.11
CA LYS B 521 16.05 20.50 -4.17
C LYS B 521 16.39 21.95 -4.47
N LEU B 522 15.50 22.84 -4.06
CA LEU B 522 15.68 24.28 -4.23
C LEU B 522 15.51 24.99 -2.90
N SER B 523 15.95 26.24 -2.85
CA SER B 523 15.83 27.07 -1.67
C SER B 523 14.53 27.85 -1.68
N GLY B 524 14.21 28.47 -0.54
CA GLY B 524 12.99 29.24 -0.44
C GLY B 524 12.96 30.44 -1.37
N GLY B 525 14.09 31.15 -1.47
CA GLY B 525 14.15 32.30 -2.34
C GLY B 525 13.89 31.93 -3.79
N GLU B 526 14.38 30.78 -4.22
CA GLU B 526 14.16 30.34 -5.61
C GLU B 526 12.70 30.06 -5.88
N LYS B 527 11.99 29.40 -4.96
CA LYS B 527 10.57 29.15 -5.19
C LYS B 527 9.75 30.41 -5.09
N GLN B 528 10.12 31.35 -4.23
CA GLN B 528 9.47 32.66 -4.28
C GLN B 528 9.69 33.33 -5.63
N ARG B 529 10.91 33.27 -6.16
CA ARG B 529 11.19 33.87 -7.45
C ARG B 529 10.36 33.24 -8.56
N VAL B 530 10.25 31.90 -8.56
CA VAL B 530 9.45 31.27 -9.60
C VAL B 530 7.97 31.63 -9.41
N ALA B 531 7.55 31.86 -8.17
CA ALA B 531 6.19 32.32 -7.93
C ALA B 531 5.96 33.69 -8.56
N ILE B 532 6.91 34.61 -8.39
CA ILE B 532 6.80 35.90 -9.07
C ILE B 532 6.78 35.70 -10.57
N ALA B 533 7.55 34.74 -11.07
CA ALA B 533 7.58 34.47 -12.50
C ALA B 533 6.20 34.08 -13.02
N ARG B 534 5.56 33.14 -12.35
CA ARG B 534 4.22 32.74 -12.78
C ARG B 534 3.23 33.87 -12.57
N THR B 535 3.49 34.75 -11.60
CA THR B 535 2.64 35.93 -11.41
C THR B 535 2.71 36.84 -12.63
N ILE B 536 3.92 37.10 -13.14
CA ILE B 536 4.04 37.89 -14.36
C ILE B 536 3.42 37.16 -15.54
N LEU B 537 3.50 35.83 -15.56
CA LEU B 537 2.81 35.07 -16.60
C LEU B 537 1.32 35.31 -16.56
N LYS B 538 0.74 35.39 -15.35
CA LYS B 538 -0.70 35.59 -15.23
C LYS B 538 -1.12 36.95 -15.79
N ALA B 539 -0.31 37.98 -15.58
CA ALA B 539 -0.66 39.36 -15.87
C ALA B 539 -1.96 39.73 -15.16
N PRO B 540 -1.97 39.76 -13.84
CA PRO B 540 -3.22 39.95 -13.10
C PRO B 540 -3.56 41.43 -12.94
N GLY B 541 -4.70 41.67 -12.30
CA GLY B 541 -5.15 43.01 -12.02
C GLY B 541 -4.96 43.42 -10.57
N ILE B 542 -5.05 42.44 -9.66
CA ILE B 542 -4.87 42.65 -8.23
C ILE B 542 -3.86 41.64 -7.73
N ILE B 543 -3.03 42.05 -6.77
CA ILE B 543 -2.01 41.18 -6.19
C ILE B 543 -2.33 41.03 -4.71
N LEU B 544 -2.85 39.87 -4.32
CA LEU B 544 -3.17 39.58 -2.93
C LEU B 544 -2.05 38.79 -2.28
N LEU B 545 -0.83 39.32 -2.39
CA LEU B 545 0.36 38.58 -2.03
C LEU B 545 0.51 38.46 -0.52
N ASP B 546 1.10 37.34 -0.10
CA ASP B 546 1.44 37.10 1.30
C ASP B 546 2.95 36.90 1.41
N GLU B 547 3.57 37.63 2.33
CA GLU B 547 5.02 37.62 2.44
C GLU B 547 5.53 36.35 3.13
N ALA B 548 6.61 35.80 2.60
CA ALA B 548 7.29 34.68 3.24
C ALA B 548 8.18 35.18 4.38
N THR B 549 8.37 34.32 5.39
CA THR B 549 9.12 34.66 6.58
C THR B 549 10.55 34.11 6.56
N SER B 550 11.16 34.05 5.38
CA SER B 550 12.49 33.45 5.26
C SER B 550 13.57 34.50 5.49
N ALA B 551 14.57 34.12 6.28
CA ALA B 551 15.68 35.02 6.59
C ALA B 551 16.59 35.17 5.38
N LEU B 552 16.88 36.40 5.02
CA LEU B 552 17.70 36.67 3.84
C LEU B 552 18.33 38.04 3.97
N ASP B 553 19.36 38.28 3.17
CA ASP B 553 20.04 39.56 3.17
C ASP B 553 19.12 40.65 2.62
N THR B 554 19.31 41.88 3.12
CA THR B 554 18.41 42.98 2.76
C THR B 554 18.44 43.28 1.27
N SER B 555 19.58 43.04 0.61
CA SER B 555 19.69 43.35 -0.81
C SER B 555 18.74 42.48 -1.64
N ASN B 556 18.73 41.17 -1.39
CA ASN B 556 17.87 40.29 -2.16
C ASN B 556 16.40 40.57 -1.88
N GLU B 557 16.05 40.80 -0.61
CA GLU B 557 14.66 41.11 -0.28
C GLU B 557 14.22 42.43 -0.92
N ARG B 558 15.11 43.43 -0.94
CA ARG B 558 14.76 44.69 -1.57
C ARG B 558 14.62 44.55 -3.07
N ALA B 559 15.45 43.71 -3.70
CA ALA B 559 15.28 43.45 -5.13
C ALA B 559 13.96 42.75 -5.40
N ILE B 560 13.60 41.78 -4.55
CA ILE B 560 12.32 41.09 -4.71
C ILE B 560 11.17 42.07 -4.55
N GLN B 561 11.23 42.95 -3.56
CA GLN B 561 10.17 43.94 -3.36
C GLN B 561 10.11 44.93 -4.51
N ALA B 562 11.26 45.30 -5.07
CA ALA B 562 11.26 46.18 -6.25
C ALA B 562 10.60 45.51 -7.43
N SER B 563 10.89 44.22 -7.65
CA SER B 563 10.22 43.49 -8.72
C SER B 563 8.73 43.40 -8.46
N LEU B 564 8.33 43.16 -7.22
CA LEU B 564 6.91 43.08 -6.88
C LEU B 564 6.21 44.41 -7.13
N ALA B 565 6.88 45.52 -6.79
CA ALA B 565 6.32 46.83 -7.08
C ALA B 565 6.22 47.06 -8.59
N LYS B 566 7.22 46.62 -9.34
CA LYS B 566 7.21 46.86 -10.78
C LYS B 566 6.22 45.96 -11.52
N VAL B 567 5.78 44.86 -10.92
CA VAL B 567 4.70 44.09 -11.51
C VAL B 567 3.35 44.56 -10.96
N CYS B 568 3.33 45.16 -9.77
CA CYS B 568 2.10 45.70 -9.20
C CYS B 568 2.00 47.21 -9.38
N ALA B 569 2.91 47.81 -10.15
CA ALA B 569 2.78 49.22 -10.49
C ALA B 569 1.48 49.45 -11.24
N ASN B 570 0.84 50.59 -10.97
CA ASN B 570 -0.50 50.92 -11.45
C ASN B 570 -1.46 49.73 -11.30
N ARG B 571 -1.26 48.93 -10.25
CA ARG B 571 -2.12 47.79 -9.94
C ARG B 571 -2.40 47.75 -8.46
N THR B 572 -3.62 47.37 -8.10
CA THR B 572 -3.98 47.25 -6.70
C THR B 572 -3.16 46.16 -6.02
N THR B 573 -2.75 46.41 -4.78
CA THR B 573 -1.85 45.51 -4.07
C THR B 573 -2.25 45.41 -2.61
N ILE B 574 -2.25 44.19 -2.08
CA ILE B 574 -2.49 43.92 -0.66
C ILE B 574 -1.39 43.01 -0.17
N VAL B 575 -0.69 43.43 0.88
CA VAL B 575 0.45 42.70 1.41
C VAL B 575 0.21 42.41 2.89
N VAL B 576 0.49 41.17 3.31
CA VAL B 576 0.38 40.76 4.70
C VAL B 576 1.77 40.38 5.16
N ALA B 577 2.25 41.07 6.20
CA ALA B 577 3.59 40.83 6.72
C ALA B 577 3.68 41.33 8.15
N HIS B 578 4.72 40.87 8.85
CA HIS B 578 4.97 41.27 10.22
C HIS B 578 6.13 42.26 10.33
N ARG B 579 6.67 42.74 9.22
CA ARG B 579 7.79 43.67 9.22
C ARG B 579 7.34 45.02 8.65
N LEU B 580 7.87 46.10 9.23
CA LEU B 580 7.49 47.44 8.85
C LEU B 580 8.21 47.94 7.60
N SER B 581 9.17 47.17 7.08
CA SER B 581 9.91 47.62 5.90
C SER B 581 8.99 47.81 4.71
N THR B 582 8.04 46.91 4.51
CA THR B 582 7.06 47.03 3.44
C THR B 582 5.91 47.95 3.79
N VAL B 583 5.86 48.45 5.02
CA VAL B 583 4.70 49.23 5.47
C VAL B 583 5.03 50.71 5.55
N VAL B 584 6.30 51.05 5.79
CA VAL B 584 6.67 52.46 5.99
C VAL B 584 6.33 53.28 4.75
N ASN B 585 6.56 52.72 3.56
CA ASN B 585 6.21 53.39 2.32
C ASN B 585 4.80 53.06 1.85
N ALA B 586 4.09 52.19 2.56
CA ALA B 586 2.74 51.81 2.17
C ALA B 586 1.79 52.98 2.34
N ASP B 587 0.80 53.04 1.45
CA ASP B 587 -0.15 54.15 1.44
C ASP B 587 -1.16 54.06 2.57
N GLN B 588 -1.47 52.86 3.05
CA GLN B 588 -2.46 52.69 4.11
C GLN B 588 -2.15 51.40 4.86
N ILE B 589 -2.27 51.43 6.18
CA ILE B 589 -2.02 50.27 7.03
C ILE B 589 -3.23 50.04 7.92
N LEU B 590 -3.63 48.77 8.04
CA LEU B 590 -4.73 48.37 8.91
C LEU B 590 -4.21 47.33 9.91
N VAL B 591 -4.77 47.36 11.11
CA VAL B 591 -4.45 46.40 12.17
C VAL B 591 -5.73 45.67 12.54
N ILE B 592 -5.67 44.34 12.52
CA ILE B 592 -6.83 43.51 12.83
C ILE B 592 -6.63 42.87 14.19
N LYS B 593 -7.63 42.97 15.05
CA LYS B 593 -7.62 42.39 16.39
C LYS B 593 -8.93 41.64 16.58
N ASP B 594 -8.91 40.34 16.24
CA ASP B 594 -10.07 39.46 16.39
C ASP B 594 -11.30 40.02 15.67
N GLY B 595 -11.08 40.45 14.44
CA GLY B 595 -12.17 40.98 13.65
C GLY B 595 -12.52 42.44 13.91
N CYS B 596 -11.57 43.21 14.43
CA CYS B 596 -11.80 44.62 14.71
C CYS B 596 -10.71 45.45 14.07
N ILE B 597 -11.11 46.63 13.58
CA ILE B 597 -10.19 47.57 12.96
C ILE B 597 -10.28 48.89 13.72
N VAL B 598 -9.13 49.42 14.12
CA VAL B 598 -9.07 50.63 14.93
C VAL B 598 -8.32 51.76 14.25
N GLU B 599 -7.87 51.60 13.02
CA GLU B 599 -7.19 52.67 12.29
C GLU B 599 -7.82 52.83 10.90
N ARG B 600 -7.99 54.08 10.49
CA ARG B 600 -8.52 54.38 9.18
C ARG B 600 -8.12 55.80 8.80
N GLY B 601 -8.20 56.08 7.51
CA GLY B 601 -7.84 57.38 6.98
C GLY B 601 -6.54 57.32 6.20
N ARG B 602 -6.01 58.50 5.90
CA ARG B 602 -4.75 58.58 5.19
C ARG B 602 -3.59 58.23 6.12
N HIS B 603 -2.41 58.08 5.52
CA HIS B 603 -1.24 57.68 6.30
C HIS B 603 -0.84 58.77 7.30
N GLU B 604 -0.97 60.04 6.90
CA GLU B 604 -0.61 61.14 7.80
C GLU B 604 -1.46 61.15 9.05
N ALA B 605 -2.73 60.76 8.94
CA ALA B 605 -3.58 60.68 10.13
C ALA B 605 -3.04 59.66 11.13
N LEU B 606 -2.62 58.49 10.62
CA LEU B 606 -2.07 57.48 11.51
C LEU B 606 -0.73 57.92 12.09
N LEU B 607 0.07 58.66 11.31
CA LEU B 607 1.31 59.20 11.85
C LEU B 607 1.02 60.18 12.98
N SER B 608 -0.01 61.02 12.82
CA SER B 608 -0.35 62.01 13.83
C SER B 608 -1.15 61.43 14.99
N ARG B 609 -1.60 60.17 14.90
CA ARG B 609 -2.38 59.58 15.98
C ARG B 609 -1.57 59.49 17.27
N GLY B 610 -0.36 58.93 17.20
CA GLY B 610 0.43 58.72 18.40
C GLY B 610 -0.17 57.75 19.38
N GLY B 611 -0.76 56.66 18.89
CA GLY B 611 -1.41 55.68 19.74
C GLY B 611 -0.57 54.43 19.95
N VAL B 612 -0.81 53.42 19.11
CA VAL B 612 -0.03 52.20 19.11
C VAL B 612 1.24 52.43 18.28
N TYR B 613 1.50 53.70 17.96
CA TYR B 613 2.78 54.04 17.35
C TYR B 613 3.94 53.56 18.22
N ALA B 614 3.70 53.41 19.53
CA ALA B 614 4.66 52.72 20.37
C ALA B 614 4.82 51.26 19.94
N ASP B 615 3.72 50.61 19.55
CA ASP B 615 3.82 49.25 19.04
C ASP B 615 4.62 49.21 17.75
N MET B 616 4.43 50.19 16.87
CA MET B 616 5.27 50.26 15.68
C MET B 616 6.74 50.53 16.00
N TRP B 617 7.03 51.39 16.99
CA TRP B 617 8.43 51.65 17.34
C TRP B 617 9.09 50.39 17.89
N GLN B 618 8.40 49.69 18.79
CA GLN B 618 8.98 48.49 19.38
C GLN B 618 8.96 47.31 18.41
N LEU B 619 8.16 47.36 17.35
CA LEU B 619 8.23 46.37 16.28
C LEU B 619 9.38 46.67 15.31
N GLN B 620 9.80 47.92 15.20
CA GLN B 620 10.83 48.28 14.23
C GLN B 620 12.19 47.70 14.61
N GLN B 621 12.41 47.44 15.90
CA GLN B 621 13.67 46.86 16.35
C GLN B 621 13.46 45.43 16.84
N1 GSH C . -4.18 -18.51 -19.15
CA1 GSH C . -3.48 -18.18 -17.93
C1 GSH C . -2.16 -18.85 -17.93
O11 GSH C . -2.02 -19.88 -18.60
O12 GSH C . -1.24 -18.34 -17.27
CB1 GSH C . -4.28 -18.70 -16.75
CG1 GSH C . -3.64 -18.31 -15.44
CD1 GSH C . -4.17 -16.96 -15.06
OE1 GSH C . -4.56 -16.21 -15.93
N2 GSH C . -4.18 -16.66 -13.76
CA2 GSH C . -4.49 -15.33 -13.31
C2 GSH C . -3.73 -14.38 -14.16
O2 GSH C . -2.69 -14.73 -14.69
CB2 GSH C . -4.12 -15.13 -11.84
SG2 GSH C . -5.41 -15.51 -10.62
N3 GSH C . -4.25 -13.17 -14.32
CA3 GSH C . -3.39 -12.00 -14.31
C3 GSH C . -2.39 -12.11 -15.43
O31 GSH C . -2.80 -11.96 -16.59
O32 GSH C . -1.21 -12.37 -15.14
CD CD D . -6.06 -16.01 -8.29
N1 GSH E . -12.62 -23.33 -2.28
CA1 GSH E . -12.93 -22.16 -3.04
C1 GSH E . -14.27 -22.35 -3.69
O11 GSH E . -14.67 -23.53 -3.81
O12 GSH E . -14.93 -21.36 -4.06
CB1 GSH E . -11.84 -22.00 -4.08
CG1 GSH E . -11.58 -20.54 -4.37
CD1 GSH E . -10.09 -20.38 -4.36
OE1 GSH E . -9.43 -21.22 -3.79
N2 GSH E . -9.56 -19.32 -4.95
CA2 GSH E . -8.43 -18.67 -4.32
C2 GSH E . -8.72 -18.63 -2.86
O2 GSH E . -9.86 -18.51 -2.46
CB2 GSH E . -8.21 -17.26 -4.86
SG2 GSH E . -7.08 -17.13 -6.29
N3 GSH E . -7.69 -18.71 -2.04
CA3 GSH E . -7.49 -17.72 -1.01
C3 GSH E . -8.69 -17.65 -0.13
O31 GSH E . -8.95 -18.64 0.60
O32 GSH E . -9.40 -16.63 -0.17
#